data_9GOE
#
_entry.id   9GOE
#
_cell.length_a   1.00
_cell.length_b   1.00
_cell.length_c   1.00
_cell.angle_alpha   90.00
_cell.angle_beta   90.00
_cell.angle_gamma   90.00
#
_symmetry.space_group_name_H-M   'P 1'
#
loop_
_entity.id
_entity.type
_entity.pdbx_description
1 polymer 'Phosphatidylglycerol lysyltransferase'
2 polymer 'Synthetic nanobody (Sybody) 29'
#
loop_
_entity_poly.entity_id
_entity_poly.type
_entity_poly.pdbx_seq_one_letter_code
_entity_poly.pdbx_strand_id
1 'polypeptide(L)'
;MRTDAPVPEHPAPPSSPASPQRIRLIDRITAYRQPIGLVFTLLLFGLALVACYHLLREIDPGALHDAIADVPRPALLGAL
SATALGFVILLGYEWSASRFAGVTLPMRSLATGGFSAFAIGNAVGLSLLSGGSVRYRLYSRHGIGAAEIARMTLFASLSL
GCALPVLAALAALCDLDDAASALHLPRALVAVIAIAVLSLAVGLVAFLARHRLPGERPSPDSLLVRLGRRSLRLPGLRLS
LLQLLITALDVAAAATVLYLLLPETPPFAAFLLVYLLALAAGVLSHVPGGVGVFEAVLLAAFAGQLGAAPLAAALLLYRL
IYVVLPLLLACLLLLFLEARRLWVTRQAIRVASGFAAPILAILVFLSGVVLLFSGATPAIDTRLEHLGFLIPHRLIDASH
LVASLIGVLCLLLAQGLRRRLSAAWALTLVLLLVGALLSLLKGFDWEEASLLSLTAALLAMFRRSFYRPSRLMEVPFSPL
YVGASICVVGASVWLLLFANQDVHYSNQLWWQFALDADAPRALRAALGSCLLLLALALGWLLRAAPPAIREPNAEELQRA
ARIIRHSDQPDGGLALTGDKALLFHESDDAFLMYARRGRSMIALYDPIGPAMQRAELIWQFRDLCDLHHARPVFYQVRAE
NLPFYMDIGLTALKLGEEARVDLLRFDLENKGKEMKDLRYTWNRGQRDGLALEFHEPGQAPLDELKAISDAWLGGKQVRE
KGFSLGRFTPAYLNFFRIAIVRHQGKPVAFANLLETDSRELASLDLMRVHPDAPKLTMEFLMLGLILHYKAQGHARFSLG
MVPLAGLQPRRGAPLTQRLGALVFRRGEQFYNFQGLRRFKDKFQPDWEPRYLAVPAGLDPLVALADTAALIAGGLTGLVK
RLEAL
;
A
2 'polypeptide(L)'
;GSSSGVQLVESGGGLVQAGGSLRLSCAASGFPVSSAWMAWYRQAPGKEREWVAAIFSAGQKTRYADSVKGRFTISRDNAK
NTVYLQMNSLKPEDTAVYYCNVKDTGHWWDIYDYWGQGTQVTVSAGRAGEQKLISEEDLNSAVDHHHHHH
;
B
#
# COMPACT_ATOMS: atom_id res chain seq x y z
N GLN A 34 -8.06 -17.02 0.40
CA GLN A 34 -8.15 -15.59 0.12
C GLN A 34 -9.47 -15.15 -0.54
N PRO A 35 -9.92 -15.84 -1.61
CA PRO A 35 -11.21 -15.45 -2.18
C PRO A 35 -12.36 -15.59 -1.19
N ILE A 36 -12.34 -16.65 -0.37
CA ILE A 36 -13.39 -16.85 0.62
C ILE A 36 -13.38 -15.71 1.64
N GLY A 37 -12.18 -15.34 2.11
CA GLY A 37 -12.08 -14.23 3.04
C GLY A 37 -12.53 -12.91 2.44
N LEU A 38 -12.18 -12.68 1.18
CA LEU A 38 -12.62 -11.44 0.51
C LEU A 38 -14.14 -11.39 0.39
N VAL A 39 -14.75 -12.51 0.00
CA VAL A 39 -16.20 -12.56 -0.12
C VAL A 39 -16.86 -12.35 1.23
N PHE A 40 -16.33 -12.99 2.27
CA PHE A 40 -16.90 -12.83 3.60
C PHE A 40 -16.78 -11.38 4.07
N THR A 41 -15.63 -10.75 3.84
CA THR A 41 -15.44 -9.36 4.25
C THR A 41 -16.39 -8.44 3.50
N LEU A 42 -16.55 -8.65 2.20
CA LEU A 42 -17.48 -7.81 1.43
C LEU A 42 -18.90 -7.98 1.90
N LEU A 43 -19.32 -9.22 2.16
CA LEU A 43 -20.66 -9.46 2.64
C LEU A 43 -20.87 -8.80 4.00
N LEU A 44 -19.89 -8.92 4.89
CA LEU A 44 -20.02 -8.30 6.20
C LEU A 44 -20.08 -6.79 6.10
N PHE A 45 -19.26 -6.19 5.23
CA PHE A 45 -19.30 -4.74 5.06
C PHE A 45 -20.65 -4.29 4.50
N GLY A 46 -21.18 -5.03 3.54
CA GLY A 46 -22.48 -4.69 3.00
C GLY A 46 -23.58 -4.79 4.04
N LEU A 47 -23.55 -5.85 4.84
CA LEU A 47 -24.53 -6.00 5.91
C LEU A 47 -24.40 -4.87 6.92
N ALA A 48 -23.18 -4.49 7.26
CA ALA A 48 -22.97 -3.38 8.19
C ALA A 48 -23.51 -2.08 7.63
N LEU A 49 -23.28 -1.80 6.34
CA LEU A 49 -23.82 -0.59 5.73
C LEU A 49 -25.35 -0.60 5.72
N VAL A 50 -25.93 -1.75 5.40
CA VAL A 50 -27.39 -1.86 5.40
C VAL A 50 -27.94 -1.59 6.79
N ALA A 51 -27.31 -2.17 7.80
CA ALA A 51 -27.75 -1.92 9.17
C ALA A 51 -27.59 -0.46 9.55
N CYS A 52 -26.48 0.15 9.13
CA CYS A 52 -26.25 1.55 9.47
C CYS A 52 -27.32 2.46 8.86
N TYR A 53 -27.68 2.22 7.60
CA TYR A 53 -28.72 3.04 6.98
C TYR A 53 -30.05 2.91 7.71
N HIS A 54 -30.32 1.74 8.27
CA HIS A 54 -31.55 1.56 9.04
C HIS A 54 -31.53 2.38 10.32
N LEU A 55 -30.37 2.47 10.97
CA LEU A 55 -30.28 3.13 12.26
C LEU A 55 -30.35 4.64 12.13
N LEU A 56 -29.78 5.19 11.07
CA LEU A 56 -29.88 6.62 10.79
C LEU A 56 -31.02 6.93 9.83
N ARG A 57 -32.09 6.14 9.89
CA ARG A 57 -33.25 6.41 9.05
C ARG A 57 -33.98 7.68 9.49
N GLU A 58 -33.99 7.97 10.78
CA GLU A 58 -34.78 9.06 11.33
C GLU A 58 -34.00 10.36 11.48
N ILE A 59 -33.02 10.61 10.61
CA ILE A 59 -32.21 11.82 10.67
C ILE A 59 -32.02 12.38 9.26
N ASP A 60 -32.13 13.68 9.14
CA ASP A 60 -31.83 14.39 7.91
C ASP A 60 -30.41 14.92 7.95
N PRO A 61 -29.81 15.19 6.78
CA PRO A 61 -28.45 15.75 6.76
C PRO A 61 -28.32 17.07 7.50
N GLY A 62 -29.37 17.90 7.49
CA GLY A 62 -29.29 19.16 8.22
C GLY A 62 -29.14 18.95 9.71
N ALA A 63 -29.84 17.96 10.27
CA ALA A 63 -29.70 17.65 11.68
C ALA A 63 -28.29 17.19 12.01
N LEU A 64 -27.71 16.35 11.15
CA LEU A 64 -26.34 15.92 11.38
C LEU A 64 -25.37 17.08 11.30
N HIS A 65 -25.58 18.00 10.36
CA HIS A 65 -24.72 19.18 10.26
C HIS A 65 -24.84 20.04 11.51
N ASP A 66 -26.06 20.22 12.02
CA ASP A 66 -26.25 20.99 13.24
C ASP A 66 -25.57 20.32 14.42
N ALA A 67 -25.67 18.99 14.51
CA ALA A 67 -24.98 18.28 15.59
C ALA A 67 -23.47 18.43 15.48
N ILE A 68 -22.94 18.37 14.26
CA ILE A 68 -21.51 18.57 14.08
C ILE A 68 -21.09 19.97 14.52
N ALA A 69 -21.86 20.98 14.11
CA ALA A 69 -21.53 22.35 14.46
C ALA A 69 -21.76 22.64 15.94
N ASP A 70 -22.58 21.85 16.62
CA ASP A 70 -22.86 22.09 18.03
C ASP A 70 -21.72 21.69 18.95
N VAL A 71 -20.72 20.98 18.44
CA VAL A 71 -19.60 20.56 19.29
C VAL A 71 -18.75 21.78 19.63
N PRO A 72 -18.50 22.05 20.91
CA PRO A 72 -17.72 23.24 21.27
C PRO A 72 -16.23 23.06 21.03
N ARG A 73 -15.55 24.20 20.90
CA ARG A 73 -14.10 24.18 20.74
C ARG A 73 -13.38 23.50 21.88
N PRO A 74 -13.73 23.70 23.15
CA PRO A 74 -13.06 22.92 24.21
C PRO A 74 -13.19 21.42 24.02
N ALA A 75 -14.30 20.94 23.48
CA ALA A 75 -14.42 19.52 23.20
C ALA A 75 -13.39 19.09 22.16
N LEU A 76 -13.20 19.89 21.12
CA LEU A 76 -12.20 19.55 20.10
C LEU A 76 -10.80 19.56 20.68
N LEU A 77 -10.49 20.55 21.51
CA LEU A 77 -9.17 20.60 22.14
C LEU A 77 -8.95 19.39 23.03
N GLY A 78 -9.97 19.01 23.80
CA GLY A 78 -9.84 17.82 24.61
C GLY A 78 -9.68 16.57 23.77
N ALA A 79 -10.35 16.52 22.62
CA ALA A 79 -10.18 15.38 21.72
C ALA A 79 -8.75 15.28 21.20
N LEU A 80 -8.18 16.41 20.79
CA LEU A 80 -6.80 16.42 20.33
C LEU A 80 -5.85 16.00 21.44
N SER A 81 -6.07 16.50 22.65
CA SER A 81 -5.23 16.12 23.78
C SER A 81 -5.35 14.63 24.08
N ALA A 82 -6.57 14.09 23.99
CA ALA A 82 -6.76 12.66 24.23
C ALA A 82 -6.06 11.82 23.18
N THR A 83 -6.09 12.26 21.92
CA THR A 83 -5.36 11.53 20.88
C THR A 83 -3.86 11.57 21.11
N ALA A 84 -3.34 12.73 21.51
CA ALA A 84 -1.91 12.80 21.80
C ALA A 84 -1.53 11.88 22.95
N LEU A 85 -2.34 11.85 24.00
CA LEU A 85 -2.06 10.95 25.11
C LEU A 85 -2.12 9.49 24.66
N GLY A 86 -3.10 9.15 23.83
CA GLY A 86 -3.18 7.79 23.32
C GLY A 86 -1.95 7.44 22.49
N PHE A 87 -1.41 8.40 21.76
CA PHE A 87 -0.21 8.10 20.99
C PHE A 87 1.02 7.94 21.86
N VAL A 88 1.11 8.70 22.95
CA VAL A 88 2.18 8.44 23.92
C VAL A 88 2.04 7.03 24.49
N ILE A 89 0.81 6.62 24.76
CA ILE A 89 0.57 5.27 25.28
C ILE A 89 0.96 4.24 24.23
N LEU A 90 0.74 4.54 22.95
CA LEU A 90 1.16 3.61 21.91
C LEU A 90 2.68 3.52 21.88
N LEU A 91 3.37 4.66 21.94
CA LEU A 91 4.82 4.62 22.03
C LEU A 91 5.19 3.63 23.11
N GLY A 92 4.40 3.61 24.18
CA GLY A 92 4.67 2.68 25.27
C GLY A 92 4.45 1.26 24.79
N TYR A 93 3.34 1.02 24.09
CA TYR A 93 3.06 -0.29 23.51
C TYR A 93 4.32 -0.84 22.88
N GLU A 94 4.90 -0.04 21.99
CA GLU A 94 6.09 -0.48 21.27
C GLU A 94 7.26 -0.67 22.21
N TRP A 95 7.51 0.29 23.10
CA TRP A 95 8.66 0.16 23.99
C TRP A 95 8.60 -1.17 24.74
N SER A 96 7.43 -1.50 25.27
CA SER A 96 7.26 -2.78 25.95
C SER A 96 7.44 -3.96 25.02
N ALA A 97 6.94 -3.85 23.78
CA ALA A 97 7.13 -4.93 22.82
C ALA A 97 8.61 -5.16 22.52
N SER A 98 9.36 -4.09 22.33
CA SER A 98 10.79 -4.21 22.08
C SER A 98 11.51 -4.81 23.28
N ARG A 99 11.15 -4.38 24.48
CA ARG A 99 11.76 -4.99 25.66
C ARG A 99 11.42 -6.47 25.74
N PHE A 100 10.23 -6.86 25.29
CA PHE A 100 9.88 -8.28 25.27
C PHE A 100 10.72 -9.04 24.25
N ALA A 101 10.90 -8.48 23.06
CA ALA A 101 11.68 -9.15 22.02
C ALA A 101 13.15 -9.26 22.40
N GLY A 102 13.69 -8.23 23.02
CA GLY A 102 15.10 -8.15 23.33
C GLY A 102 15.88 -7.21 22.46
N VAL A 103 15.29 -6.71 21.38
CA VAL A 103 15.99 -5.77 20.53
C VAL A 103 16.15 -4.44 21.24
N THR A 104 17.35 -3.89 21.21
CA THR A 104 17.66 -2.61 21.84
C THR A 104 17.70 -1.52 20.77
N LEU A 105 16.87 -0.51 20.93
CA LEU A 105 16.78 0.57 19.96
C LEU A 105 16.87 1.91 20.66
N PRO A 106 17.35 2.93 19.98
CA PRO A 106 17.35 4.28 20.54
C PRO A 106 15.92 4.76 20.75
N MET A 107 15.75 5.66 21.70
CA MET A 107 14.43 6.14 22.05
C MET A 107 13.77 6.83 20.87
N ARG A 108 14.51 7.65 20.14
CA ARG A 108 13.93 8.37 19.01
C ARG A 108 13.49 7.41 17.92
N SER A 109 14.33 6.43 17.58
CA SER A 109 13.97 5.47 16.55
C SER A 109 12.78 4.64 16.99
N LEU A 110 12.77 4.21 18.24
CA LEU A 110 11.66 3.41 18.75
C LEU A 110 10.37 4.21 18.72
N ALA A 111 10.42 5.48 19.12
CA ALA A 111 9.21 6.30 19.10
C ALA A 111 8.71 6.52 17.68
N THR A 112 9.60 6.81 16.75
CA THR A 112 9.19 6.98 15.36
C THR A 112 8.55 5.72 14.82
N GLY A 113 9.19 4.57 15.07
CA GLY A 113 8.62 3.33 14.60
C GLY A 113 7.27 3.02 15.20
N GLY A 114 7.11 3.24 16.51
CA GLY A 114 5.82 2.98 17.14
C GLY A 114 4.71 3.85 16.59
N PHE A 115 4.98 5.16 16.50
CA PHE A 115 3.95 6.06 15.99
C PHE A 115 3.59 5.69 14.56
N SER A 116 4.59 5.46 13.72
CA SER A 116 4.33 5.15 12.32
C SER A 116 3.55 3.86 12.16
N ALA A 117 4.00 2.79 12.83
CA ALA A 117 3.34 1.50 12.68
C ALA A 117 1.92 1.56 13.19
N PHE A 118 1.70 2.19 14.34
CA PHE A 118 0.35 2.21 14.88
C PHE A 118 -0.57 3.15 14.13
N ALA A 119 -0.04 4.20 13.50
CA ALA A 119 -0.90 5.04 12.71
C ALA A 119 -1.27 4.37 11.39
N ILE A 120 -0.30 3.73 10.74
CA ILE A 120 -0.56 3.09 9.45
C ILE A 120 -1.44 1.87 9.62
N GLY A 121 -1.14 1.02 10.61
CA GLY A 121 -1.89 -0.21 10.78
C GLY A 121 -3.31 0.03 11.22
N ASN A 122 -3.56 1.07 12.00
CA ASN A 122 -4.90 1.33 12.50
C ASN A 122 -5.80 1.84 11.38
N ALA A 123 -5.29 2.74 10.55
CA ALA A 123 -6.10 3.32 9.48
C ALA A 123 -6.42 2.29 8.41
N VAL A 124 -5.41 1.56 7.94
CA VAL A 124 -5.60 0.56 6.90
C VAL A 124 -5.07 -0.78 7.40
N GLY A 125 -5.84 -1.83 7.15
CA GLY A 125 -5.43 -3.16 7.57
C GLY A 125 -4.92 -4.01 6.43
N LEU A 126 -3.60 -4.14 6.33
CA LEU A 126 -2.93 -5.00 5.34
C LEU A 126 -3.48 -4.83 3.93
N SER A 127 -4.03 -3.64 3.64
CA SER A 127 -4.57 -3.35 2.31
C SER A 127 -3.49 -2.83 1.38
N LEU A 128 -2.87 -1.72 1.75
CA LEU A 128 -1.72 -1.16 1.05
C LEU A 128 -0.43 -1.31 1.86
N LEU A 129 -0.45 -0.88 3.11
CA LEU A 129 0.67 -1.06 4.01
C LEU A 129 0.16 -1.56 5.35
N SER A 130 0.94 -2.40 5.99
CA SER A 130 0.60 -2.94 7.30
C SER A 130 1.65 -2.50 8.32
N GLY A 131 1.30 -2.60 9.59
CA GLY A 131 2.24 -2.27 10.64
C GLY A 131 3.50 -3.11 10.59
N GLY A 132 3.35 -4.40 10.29
CA GLY A 132 4.51 -5.26 10.16
C GLY A 132 5.44 -4.79 9.06
N SER A 133 4.89 -4.39 7.92
CA SER A 133 5.73 -3.97 6.81
C SER A 133 6.51 -2.71 7.13
N VAL A 134 5.86 -1.72 7.74
CA VAL A 134 6.55 -0.47 8.04
C VAL A 134 7.60 -0.67 9.13
N ARG A 135 7.27 -1.44 10.17
CA ARG A 135 8.26 -1.69 11.20
C ARG A 135 9.42 -2.52 10.66
N TYR A 136 9.17 -3.44 9.72
CA TYR A 136 10.26 -4.13 9.05
C TYR A 136 11.14 -3.14 8.30
N ARG A 137 10.54 -2.32 7.46
CA ARG A 137 11.31 -1.38 6.65
C ARG A 137 12.08 -0.38 7.49
N LEU A 138 11.65 -0.15 8.73
CA LEU A 138 12.40 0.73 9.61
C LEU A 138 13.53 0.00 10.32
N TYR A 139 13.19 -1.09 11.02
CA TYR A 139 14.16 -1.72 11.92
C TYR A 139 15.21 -2.51 11.14
N SER A 140 14.83 -3.19 10.06
CA SER A 140 15.83 -3.87 9.25
C SER A 140 16.83 -2.89 8.69
N ARG A 141 16.36 -1.71 8.30
CA ARG A 141 17.30 -0.64 7.93
C ARG A 141 18.16 -0.26 9.11
N HIS A 142 17.57 -0.23 10.31
CA HIS A 142 18.35 0.05 11.50
C HIS A 142 19.29 -1.10 11.87
N GLY A 143 19.16 -2.26 11.23
CA GLY A 143 20.08 -3.35 11.50
C GLY A 143 19.63 -4.35 12.54
N ILE A 144 18.43 -4.87 12.38
CA ILE A 144 17.84 -5.83 13.31
C ILE A 144 17.28 -7.00 12.52
N GLY A 145 17.48 -8.21 13.04
CA GLY A 145 16.98 -9.37 12.34
C GLY A 145 15.47 -9.40 12.25
N ALA A 146 14.97 -10.09 11.22
CA ALA A 146 13.54 -10.08 10.93
C ALA A 146 12.74 -10.91 11.92
N ALA A 147 13.35 -11.94 12.49
CA ALA A 147 12.62 -12.80 13.43
C ALA A 147 12.16 -12.01 14.64
N GLU A 148 13.03 -11.13 15.16
CA GLU A 148 12.66 -10.30 16.30
C GLU A 148 11.52 -9.35 15.94
N ILE A 149 11.54 -8.79 14.74
CA ILE A 149 10.48 -7.89 14.34
C ILE A 149 9.16 -8.64 14.21
N ALA A 150 9.20 -9.86 13.67
CA ALA A 150 7.98 -10.64 13.60
C ALA A 150 7.48 -10.96 15.01
N ARG A 151 8.41 -11.23 15.93
CA ARG A 151 8.01 -11.49 17.31
C ARG A 151 7.32 -10.27 17.88
N MET A 152 7.89 -9.09 17.66
CA MET A 152 7.31 -7.85 18.18
C MET A 152 5.89 -7.66 17.65
N THR A 153 5.70 -7.85 16.35
CA THR A 153 4.37 -7.67 15.76
C THR A 153 3.36 -8.64 16.35
N LEU A 154 3.74 -9.92 16.45
CA LEU A 154 2.84 -10.91 17.00
C LEU A 154 2.52 -10.59 18.45
N PHE A 155 3.52 -10.16 19.22
CA PHE A 155 3.29 -9.82 20.62
C PHE A 155 2.33 -8.66 20.76
N ALA A 156 2.50 -7.60 19.97
CA ALA A 156 1.59 -6.46 20.07
C ALA A 156 0.16 -6.86 19.72
N SER A 157 0.01 -7.61 18.62
CA SER A 157 -1.33 -8.00 18.20
C SER A 157 -2.00 -8.87 19.24
N LEU A 158 -1.28 -9.88 19.75
CA LEU A 158 -1.85 -10.76 20.76
C LEU A 158 -2.11 -10.04 22.07
N SER A 159 -1.27 -9.07 22.43
CA SER A 159 -1.51 -8.30 23.65
C SER A 159 -2.82 -7.53 23.55
N LEU A 160 -3.05 -6.85 22.43
CA LEU A 160 -4.33 -6.15 22.29
C LEU A 160 -5.50 -7.12 22.29
N GLY A 161 -5.36 -8.23 21.55
CA GLY A 161 -6.45 -9.17 21.44
C GLY A 161 -6.79 -9.89 22.74
N CYS A 162 -5.81 -10.04 23.62
CA CYS A 162 -6.08 -10.64 24.92
C CYS A 162 -6.46 -9.61 25.97
N ALA A 163 -6.06 -8.35 25.81
CA ALA A 163 -6.42 -7.32 26.76
C ALA A 163 -7.86 -6.84 26.55
N LEU A 164 -8.37 -6.91 25.34
CA LEU A 164 -9.76 -6.50 25.13
C LEU A 164 -10.75 -7.29 25.97
N PRO A 165 -10.76 -8.62 25.97
CA PRO A 165 -11.81 -9.32 26.73
C PRO A 165 -11.71 -9.08 28.22
N VAL A 166 -10.51 -9.01 28.79
CA VAL A 166 -10.40 -8.84 30.23
C VAL A 166 -10.89 -7.46 30.64
N LEU A 167 -10.55 -6.42 29.88
CA LEU A 167 -11.07 -5.09 30.18
C LEU A 167 -12.58 -5.02 30.00
N ALA A 168 -13.11 -5.67 28.97
CA ALA A 168 -14.55 -5.69 28.80
C ALA A 168 -15.23 -6.35 29.99
N ALA A 169 -14.69 -7.48 30.46
CA ALA A 169 -15.26 -8.15 31.62
C ALA A 169 -15.13 -7.29 32.87
N LEU A 170 -14.03 -6.57 33.03
CA LEU A 170 -13.88 -5.68 34.17
C LEU A 170 -14.93 -4.58 34.17
N ALA A 171 -15.18 -3.97 33.01
CA ALA A 171 -16.20 -2.93 32.93
C ALA A 171 -17.59 -3.51 33.22
N ALA A 172 -17.86 -4.71 32.73
CA ALA A 172 -19.13 -5.35 33.01
C ALA A 172 -19.28 -5.62 34.51
N LEU A 173 -18.25 -6.16 35.14
CA LEU A 173 -18.30 -6.39 36.59
C LEU A 173 -18.49 -5.08 37.34
N CYS A 174 -17.94 -3.98 36.83
CA CYS A 174 -18.07 -2.70 37.50
C CYS A 174 -19.50 -2.18 37.44
N ASP A 175 -20.12 -2.17 36.26
CA ASP A 175 -21.41 -1.49 36.10
C ASP A 175 -22.39 -2.35 35.29
N LEU A 176 -22.55 -3.62 35.69
CA LEU A 176 -23.54 -4.46 35.04
C LEU A 176 -24.97 -3.91 35.15
N ASP A 177 -25.23 -3.05 36.13
CA ASP A 177 -26.55 -2.45 36.25
C ASP A 177 -26.93 -1.71 34.97
N ASP A 178 -26.01 -0.91 34.44
CA ASP A 178 -26.25 -0.26 33.16
C ASP A 178 -25.86 -1.12 31.97
N ALA A 179 -24.87 -1.99 32.13
CA ALA A 179 -24.45 -2.84 31.02
C ALA A 179 -25.57 -3.75 30.55
N ALA A 180 -26.42 -4.21 31.46
CA ALA A 180 -27.55 -5.04 31.07
C ALA A 180 -28.50 -4.24 30.17
N SER A 181 -28.76 -2.99 30.53
CA SER A 181 -29.66 -2.16 29.73
C SER A 181 -29.03 -1.78 28.40
N ALA A 182 -27.74 -1.45 28.40
CA ALA A 182 -27.10 -1.01 27.17
C ALA A 182 -27.06 -2.13 26.13
N LEU A 183 -26.73 -3.34 26.55
CA LEU A 183 -26.61 -4.47 25.65
C LEU A 183 -27.90 -5.22 25.45
N HIS A 184 -28.95 -4.92 26.22
CA HIS A 184 -30.26 -5.54 26.07
C HIS A 184 -30.22 -7.04 26.35
N LEU A 185 -29.53 -7.41 27.42
CA LEU A 185 -29.64 -8.75 27.98
C LEU A 185 -29.79 -8.62 29.49
N PRO A 186 -30.38 -9.62 30.14
CA PRO A 186 -30.51 -9.57 31.60
C PRO A 186 -29.16 -9.50 32.29
N ARG A 187 -29.14 -8.81 33.43
CA ARG A 187 -27.89 -8.59 34.14
C ARG A 187 -27.27 -9.89 34.62
N ALA A 188 -28.10 -10.89 34.92
CA ALA A 188 -27.57 -12.16 35.39
C ALA A 188 -26.69 -12.84 34.34
N LEU A 189 -27.15 -12.86 33.09
CA LEU A 189 -26.36 -13.49 32.04
C LEU A 189 -25.06 -12.74 31.79
N VAL A 190 -25.11 -11.41 31.75
CA VAL A 190 -23.90 -10.63 31.55
C VAL A 190 -22.92 -10.87 32.70
N ALA A 191 -23.42 -10.86 33.92
CA ALA A 191 -22.56 -11.08 35.07
C ALA A 191 -21.91 -12.46 35.01
N VAL A 192 -22.69 -13.49 34.69
CA VAL A 192 -22.13 -14.83 34.72
C VAL A 192 -21.13 -15.02 33.59
N ILE A 193 -21.39 -14.47 32.41
CA ILE A 193 -20.42 -14.63 31.33
C ILE A 193 -19.15 -13.85 31.62
N ALA A 194 -19.27 -12.66 32.20
CA ALA A 194 -18.07 -11.90 32.55
C ALA A 194 -17.25 -12.61 33.61
N ILE A 195 -17.92 -13.15 34.63
CA ILE A 195 -17.20 -13.88 35.68
C ILE A 195 -16.55 -15.13 35.11
N ALA A 196 -17.25 -15.84 34.24
CA ALA A 196 -16.67 -17.03 33.63
C ALA A 196 -15.45 -16.68 32.78
N VAL A 197 -15.53 -15.58 32.02
CA VAL A 197 -14.39 -15.16 31.20
C VAL A 197 -13.21 -14.81 32.09
N LEU A 198 -13.45 -14.06 33.16
CA LEU A 198 -12.36 -13.68 34.05
C LEU A 198 -11.74 -14.91 34.71
N SER A 199 -12.57 -15.84 35.17
CA SER A 199 -12.04 -17.04 35.81
C SER A 199 -11.25 -17.89 34.83
N LEU A 200 -11.75 -18.06 33.61
CA LEU A 200 -11.03 -18.83 32.60
C LEU A 200 -9.70 -18.17 32.28
N ALA A 201 -9.68 -16.85 32.14
CA ALA A 201 -8.43 -16.16 31.87
C ALA A 201 -7.44 -16.36 33.01
N VAL A 202 -7.86 -16.09 34.24
CA VAL A 202 -6.93 -16.17 35.37
C VAL A 202 -6.47 -17.60 35.62
N GLY A 203 -7.29 -18.59 35.27
CA GLY A 203 -6.87 -19.96 35.44
C GLY A 203 -5.98 -20.47 34.32
N LEU A 204 -6.53 -20.56 33.12
CA LEU A 204 -5.80 -21.16 32.01
C LEU A 204 -4.79 -20.18 31.42
N VAL A 205 -5.23 -18.96 31.12
CA VAL A 205 -4.37 -18.00 30.45
C VAL A 205 -3.21 -17.60 31.34
N ALA A 206 -3.39 -17.66 32.66
CA ALA A 206 -2.36 -17.20 33.58
C ALA A 206 -1.57 -18.35 34.20
N PHE A 207 -2.24 -19.29 34.85
CA PHE A 207 -1.55 -20.25 35.69
C PHE A 207 -1.70 -21.69 35.24
N LEU A 208 -2.94 -22.15 34.98
CA LEU A 208 -3.16 -23.58 34.77
C LEU A 208 -2.42 -24.08 33.54
N ALA A 209 -2.46 -23.32 32.44
CA ALA A 209 -1.80 -23.71 31.21
C ALA A 209 -0.45 -23.02 31.02
N ARG A 210 0.01 -22.24 31.97
CA ARG A 210 1.29 -21.56 31.85
C ARG A 210 2.25 -21.80 33.01
N HIS A 211 1.73 -21.89 34.23
CA HIS A 211 2.57 -22.10 35.40
C HIS A 211 2.66 -23.57 35.80
N ARG A 212 1.76 -24.40 35.29
CA ARG A 212 1.96 -25.84 35.37
C ARG A 212 3.21 -26.23 34.57
N LEU A 213 3.54 -25.44 33.54
CA LEU A 213 4.74 -25.67 32.73
C LEU A 213 5.50 -24.35 32.58
N PRO A 214 6.14 -23.90 33.67
CA PRO A 214 6.88 -22.62 33.67
C PRO A 214 8.09 -22.54 32.74
N GLY A 215 8.89 -23.59 32.66
CA GLY A 215 10.08 -23.64 31.82
C GLY A 215 11.35 -23.40 32.63
N GLU A 216 12.47 -23.84 32.05
CA GLU A 216 13.80 -23.75 32.65
C GLU A 216 14.45 -22.36 32.63
N ARG A 217 14.50 -21.67 31.49
CA ARG A 217 15.21 -20.40 31.48
C ARG A 217 14.65 -19.46 30.41
N PRO A 218 14.72 -18.15 30.65
CA PRO A 218 14.38 -17.17 29.63
C PRO A 218 15.57 -16.70 28.81
N SER A 219 15.32 -16.49 27.53
CA SER A 219 16.38 -16.02 26.64
C SER A 219 16.59 -14.51 26.83
N PRO A 220 15.60 -13.66 26.66
CA PRO A 220 15.74 -12.26 27.06
C PRO A 220 15.50 -12.10 28.56
N ASP A 221 15.54 -10.84 28.99
CA ASP A 221 15.33 -10.51 30.40
C ASP A 221 13.93 -10.90 30.87
N SER A 222 12.91 -10.63 30.05
CA SER A 222 11.52 -10.87 30.42
C SER A 222 10.92 -11.86 29.43
N LEU A 223 10.94 -13.14 29.80
CA LEU A 223 10.32 -14.18 29.01
C LEU A 223 10.13 -15.43 29.85
N LEU A 224 9.26 -16.31 29.38
CA LEU A 224 9.06 -17.64 29.98
C LEU A 224 8.71 -18.60 28.84
N VAL A 225 9.72 -19.28 28.31
CA VAL A 225 9.48 -20.26 27.25
C VAL A 225 8.82 -21.49 27.86
N ARG A 226 7.75 -21.95 27.24
CA ARG A 226 6.92 -22.99 27.82
C ARG A 226 6.84 -24.21 26.91
N LEU A 227 6.58 -25.36 27.52
CA LEU A 227 6.53 -26.63 26.82
C LEU A 227 5.28 -26.70 25.91
N GLY A 228 5.35 -27.62 24.96
CA GLY A 228 4.23 -27.85 24.05
C GLY A 228 4.73 -28.54 22.80
N ARG A 229 3.93 -28.41 21.74
CA ARG A 229 4.39 -28.85 20.42
C ARG A 229 5.61 -28.05 19.99
N ARG A 230 5.60 -26.74 20.25
CA ARG A 230 6.75 -25.88 20.04
C ARG A 230 6.88 -24.93 21.22
N SER A 231 8.11 -24.49 21.47
CA SER A 231 8.36 -23.51 22.51
C SER A 231 7.71 -22.18 22.15
N LEU A 232 7.10 -21.54 23.13
CA LEU A 232 6.35 -20.30 22.95
C LEU A 232 6.96 -19.20 23.78
N ARG A 233 7.07 -18.01 23.18
CA ARG A 233 7.66 -16.83 23.81
C ARG A 233 6.55 -15.96 24.43
N LEU A 234 6.29 -16.17 25.72
CA LEU A 234 5.31 -15.36 26.43
C LEU A 234 5.96 -14.58 27.56
N PRO A 235 5.60 -13.32 27.77
CA PRO A 235 6.30 -12.49 28.74
C PRO A 235 6.06 -12.97 30.17
N GLY A 236 6.89 -12.47 31.07
CA GLY A 236 6.78 -12.78 32.48
C GLY A 236 5.60 -12.06 33.12
N LEU A 237 5.42 -12.33 34.41
CA LEU A 237 4.29 -11.74 35.13
C LEU A 237 4.39 -10.23 35.15
N ARG A 238 5.58 -9.69 35.41
CA ARG A 238 5.74 -8.25 35.47
C ARG A 238 5.49 -7.61 34.11
N LEU A 239 6.04 -8.19 33.05
CA LEU A 239 5.85 -7.62 31.73
C LEU A 239 4.38 -7.73 31.31
N SER A 240 3.73 -8.85 31.63
CA SER A 240 2.32 -8.99 31.30
C SER A 240 1.48 -7.96 32.05
N LEU A 241 1.78 -7.73 33.32
CA LEU A 241 1.04 -6.71 34.07
C LEU A 241 1.25 -5.32 33.47
N LEU A 242 2.48 -4.99 33.10
CA LEU A 242 2.74 -3.70 32.49
C LEU A 242 2.02 -3.54 31.17
N GLN A 243 2.02 -4.60 30.35
CA GLN A 243 1.30 -4.54 29.08
C GLN A 243 -0.19 -4.37 29.30
N LEU A 244 -0.74 -5.07 30.29
CA LEU A 244 -2.17 -4.92 30.59
C LEU A 244 -2.48 -3.50 31.01
N LEU A 245 -1.64 -2.92 31.85
CA LEU A 245 -1.86 -1.54 32.26
C LEU A 245 -1.79 -0.58 31.07
N ILE A 246 -0.82 -0.78 30.18
CA ILE A 246 -0.70 0.10 29.02
C ILE A 246 -1.91 -0.03 28.10
N THR A 247 -2.36 -1.26 27.85
CA THR A 247 -3.54 -1.45 27.03
C THR A 247 -4.78 -0.83 27.66
N ALA A 248 -4.92 -0.98 28.98
CA ALA A 248 -6.05 -0.35 29.66
C ALA A 248 -6.01 1.15 29.50
N LEU A 249 -4.83 1.75 29.65
CA LEU A 249 -4.73 3.19 29.47
C LEU A 249 -5.05 3.59 28.03
N ASP A 250 -4.61 2.79 27.05
CA ASP A 250 -4.89 3.12 25.65
C ASP A 250 -6.38 3.07 25.35
N VAL A 251 -7.05 1.98 25.74
CA VAL A 251 -8.48 1.90 25.45
C VAL A 251 -9.23 2.95 26.25
N ALA A 252 -8.74 3.30 27.44
CA ALA A 252 -9.35 4.38 28.19
C ALA A 252 -9.22 5.71 27.45
N ALA A 253 -8.05 5.97 26.86
CA ALA A 253 -7.90 7.21 26.10
C ALA A 253 -8.81 7.24 24.89
N ALA A 254 -8.94 6.11 24.19
CA ALA A 254 -9.83 6.07 23.03
C ALA A 254 -11.29 6.28 23.44
N ALA A 255 -11.75 5.53 24.43
CA ALA A 255 -13.10 5.72 24.93
C ALA A 255 -13.29 7.13 25.48
N THR A 256 -12.21 7.75 25.97
CA THR A 256 -12.30 9.10 26.51
C THR A 256 -12.50 10.11 25.40
N VAL A 257 -11.78 9.98 24.29
CA VAL A 257 -11.99 10.92 23.19
C VAL A 257 -13.40 10.76 22.66
N LEU A 258 -13.87 9.51 22.51
CA LEU A 258 -15.25 9.32 22.06
C LEU A 258 -16.25 9.88 23.06
N TYR A 259 -15.95 9.74 24.35
CA TYR A 259 -16.85 10.20 25.39
C TYR A 259 -16.96 11.72 25.40
N LEU A 260 -15.82 12.41 25.38
CA LEU A 260 -15.85 13.86 25.45
C LEU A 260 -16.24 14.51 24.14
N LEU A 261 -16.13 13.82 23.01
CA LEU A 261 -16.66 14.39 21.78
C LEU A 261 -18.19 14.32 21.70
N LEU A 262 -18.81 13.61 22.63
CA LEU A 262 -20.25 13.38 22.63
C LEU A 262 -20.90 14.11 23.80
N PRO A 263 -21.89 14.98 23.58
CA PRO A 263 -22.50 15.73 24.69
C PRO A 263 -23.22 14.87 25.71
N GLU A 264 -24.22 14.11 25.29
CA GLU A 264 -25.01 13.29 26.21
C GLU A 264 -24.37 11.91 26.31
N THR A 265 -23.90 11.56 27.50
CA THR A 265 -23.11 10.36 27.67
C THR A 265 -23.71 9.46 28.73
N PRO A 266 -23.60 8.16 28.55
CA PRO A 266 -23.91 7.23 29.64
C PRO A 266 -22.73 7.14 30.60
N PRO A 267 -22.86 6.38 31.68
CA PRO A 267 -21.71 6.18 32.56
C PRO A 267 -20.55 5.52 31.84
N PHE A 268 -19.34 5.85 32.28
CA PHE A 268 -18.14 5.50 31.52
C PHE A 268 -17.95 3.99 31.41
N ALA A 269 -18.44 3.23 32.37
CA ALA A 269 -18.18 1.79 32.34
C ALA A 269 -18.94 1.12 31.20
N ALA A 270 -20.24 1.41 31.09
CA ALA A 270 -21.01 0.82 30.00
C ALA A 270 -20.54 1.35 28.64
N PHE A 271 -20.20 2.63 28.58
CA PHE A 271 -19.67 3.18 27.33
C PHE A 271 -18.37 2.49 26.94
N LEU A 272 -17.49 2.26 27.91
CA LEU A 272 -16.25 1.56 27.64
C LEU A 272 -16.50 0.13 27.20
N LEU A 273 -17.45 -0.55 27.83
CA LEU A 273 -17.78 -1.91 27.43
C LEU A 273 -18.25 -1.94 25.99
N VAL A 274 -19.14 -1.01 25.63
CA VAL A 274 -19.64 -0.95 24.26
C VAL A 274 -18.51 -0.64 23.29
N TYR A 275 -17.63 0.29 23.66
CA TYR A 275 -16.53 0.64 22.79
C TYR A 275 -15.60 -0.54 22.58
N LEU A 276 -15.29 -1.29 23.63
CA LEU A 276 -14.42 -2.46 23.49
C LEU A 276 -15.07 -3.53 22.61
N LEU A 277 -16.36 -3.78 22.82
CA LEU A 277 -17.04 -4.76 21.98
C LEU A 277 -17.04 -4.32 20.53
N ALA A 278 -17.29 -3.03 20.28
CA ALA A 278 -17.28 -2.54 18.91
C ALA A 278 -15.90 -2.62 18.29
N LEU A 279 -14.85 -2.32 19.05
CA LEU A 279 -13.49 -2.43 18.52
C LEU A 279 -13.16 -3.87 18.18
N ALA A 280 -13.56 -4.81 19.04
CA ALA A 280 -13.32 -6.22 18.75
C ALA A 280 -14.07 -6.65 17.49
N ALA A 281 -15.33 -6.23 17.35
CA ALA A 281 -16.09 -6.58 16.17
C ALA A 281 -15.49 -5.99 14.91
N GLY A 282 -15.05 -4.73 14.97
CA GLY A 282 -14.48 -4.11 13.79
C GLY A 282 -13.16 -4.73 13.37
N VAL A 283 -12.27 -5.02 14.33
CA VAL A 283 -10.98 -5.61 14.00
C VAL A 283 -11.08 -7.09 13.69
N LEU A 284 -12.16 -7.74 14.10
CA LEU A 284 -12.33 -9.14 13.77
C LEU A 284 -12.88 -9.37 12.38
N SER A 285 -13.40 -8.33 11.73
CA SER A 285 -13.96 -8.46 10.39
C SER A 285 -12.94 -8.15 9.30
N HIS A 286 -11.71 -7.78 9.66
CA HIS A 286 -10.62 -7.55 8.73
C HIS A 286 -10.91 -6.39 7.79
N VAL A 287 -12.00 -5.68 7.98
CA VAL A 287 -12.26 -4.46 7.22
C VAL A 287 -11.22 -3.41 7.58
N PRO A 288 -10.66 -2.69 6.64
CA PRO A 288 -9.62 -1.70 6.97
C PRO A 288 -10.13 -0.61 7.89
N GLY A 289 -9.65 -0.60 9.13
CA GLY A 289 -10.11 0.33 10.12
C GLY A 289 -11.38 -0.07 10.83
N GLY A 290 -12.01 -1.18 10.42
CA GLY A 290 -13.26 -1.59 11.01
C GLY A 290 -14.36 -0.56 10.87
N VAL A 291 -14.39 0.16 9.75
CA VAL A 291 -15.31 1.29 9.62
C VAL A 291 -16.75 0.80 9.53
N GLY A 292 -16.98 -0.31 8.86
CA GLY A 292 -18.34 -0.75 8.66
C GLY A 292 -19.04 -1.19 9.94
N VAL A 293 -18.34 -1.96 10.77
CA VAL A 293 -18.98 -2.62 11.90
C VAL A 293 -18.88 -1.83 13.20
N PHE A 294 -17.80 -1.09 13.40
CA PHE A 294 -17.66 -0.31 14.63
C PHE A 294 -18.78 0.72 14.77
N GLU A 295 -19.01 1.50 13.72
CA GLU A 295 -20.09 2.47 13.75
C GLU A 295 -21.44 1.78 13.91
N ALA A 296 -21.61 0.63 13.27
CA ALA A 296 -22.87 -0.09 13.39
C ALA A 296 -23.12 -0.50 14.83
N VAL A 297 -22.10 -1.01 15.52
CA VAL A 297 -22.30 -1.45 16.90
C VAL A 297 -22.59 -0.25 17.81
N LEU A 298 -21.85 0.85 17.63
CA LEU A 298 -22.13 2.05 18.44
C LEU A 298 -23.57 2.54 18.22
N LEU A 299 -24.01 2.61 16.97
CA LEU A 299 -25.33 3.12 16.67
C LEU A 299 -26.42 2.13 17.05
N ALA A 300 -26.11 0.86 17.15
CA ALA A 300 -27.11 -0.11 17.58
C ALA A 300 -27.16 -0.29 19.08
N ALA A 301 -26.14 0.15 19.80
CA ALA A 301 -26.12 0.01 21.25
C ALA A 301 -26.57 1.27 21.98
N PHE A 302 -26.36 2.44 21.39
CA PHE A 302 -26.66 3.72 22.03
C PHE A 302 -27.53 4.57 21.13
N ALA A 303 -28.60 3.98 20.60
CA ALA A 303 -29.51 4.70 19.73
C ALA A 303 -30.68 5.30 20.51
N GLY A 304 -31.48 4.44 21.16
CA GLY A 304 -32.62 4.94 21.90
C GLY A 304 -32.23 5.78 23.10
N GLN A 305 -31.23 5.33 23.85
CA GLN A 305 -30.84 6.05 25.06
C GLN A 305 -30.12 7.36 24.77
N LEU A 306 -29.73 7.62 23.53
CA LEU A 306 -29.00 8.83 23.20
C LEU A 306 -29.66 9.51 22.01
N GLY A 307 -29.03 10.58 21.54
CA GLY A 307 -29.51 11.29 20.37
C GLY A 307 -28.82 10.80 19.12
N ALA A 308 -29.62 10.46 18.11
CA ALA A 308 -29.07 9.90 16.87
C ALA A 308 -28.13 10.89 16.20
N ALA A 309 -28.55 12.14 16.05
CA ALA A 309 -27.67 13.14 15.46
C ALA A 309 -26.43 13.41 16.29
N PRO A 310 -26.52 13.65 17.61
CA PRO A 310 -25.28 13.80 18.38
C PRO A 310 -24.39 12.58 18.33
N LEU A 311 -24.96 11.38 18.37
CA LEU A 311 -24.14 10.17 18.34
C LEU A 311 -23.44 10.02 16.99
N ALA A 312 -24.14 10.29 15.90
CA ALA A 312 -23.51 10.19 14.57
C ALA A 312 -22.43 11.24 14.40
N ALA A 313 -22.69 12.46 14.85
CA ALA A 313 -21.66 13.50 14.76
C ALA A 313 -20.44 13.12 15.58
N ALA A 314 -20.64 12.59 16.78
CA ALA A 314 -19.52 12.17 17.60
C ALA A 314 -18.74 11.03 16.95
N LEU A 315 -19.44 10.05 16.37
CA LEU A 315 -18.76 8.95 15.71
C LEU A 315 -17.92 9.45 14.54
N LEU A 316 -18.50 10.29 13.70
CA LEU A 316 -17.75 10.79 12.55
C LEU A 316 -16.56 11.63 12.98
N LEU A 317 -16.75 12.52 13.95
CA LEU A 317 -15.67 13.36 14.41
C LEU A 317 -14.56 12.55 15.05
N TYR A 318 -14.92 11.54 15.85
CA TYR A 318 -13.92 10.69 16.47
C TYR A 318 -13.12 9.94 15.43
N ARG A 319 -13.80 9.37 14.43
CA ARG A 319 -13.07 8.66 13.39
C ARG A 319 -12.12 9.60 12.67
N LEU A 320 -12.61 10.79 12.32
CA LEU A 320 -11.75 11.73 11.61
C LEU A 320 -10.56 12.16 12.45
N ILE A 321 -10.77 12.41 13.75
CA ILE A 321 -9.69 12.92 14.59
C ILE A 321 -8.68 11.82 14.91
N TYR A 322 -9.15 10.62 15.22
CA TYR A 322 -8.31 9.55 15.73
C TYR A 322 -7.80 8.59 14.68
N VAL A 323 -8.25 8.69 13.42
CA VAL A 323 -7.80 7.73 12.42
C VAL A 323 -7.24 8.45 11.20
N VAL A 324 -7.97 9.42 10.67
CA VAL A 324 -7.55 10.04 9.43
C VAL A 324 -6.40 11.01 9.69
N LEU A 325 -6.54 11.87 10.69
CA LEU A 325 -5.46 12.80 11.02
C LEU A 325 -4.18 12.11 11.44
N PRO A 326 -4.19 11.09 12.31
CA PRO A 326 -2.94 10.36 12.57
C PRO A 326 -2.33 9.75 11.34
N LEU A 327 -3.14 9.22 10.43
CA LEU A 327 -2.61 8.65 9.20
C LEU A 327 -1.95 9.73 8.36
N LEU A 328 -2.57 10.89 8.25
CA LEU A 328 -1.96 11.97 7.49
C LEU A 328 -0.65 12.41 8.12
N LEU A 329 -0.62 12.54 9.44
CA LEU A 329 0.60 12.96 10.12
C LEU A 329 1.71 11.93 9.94
N ALA A 330 1.41 10.64 10.05
CA ALA A 330 2.43 9.62 9.85
C ALA A 330 2.93 9.63 8.42
N CYS A 331 2.05 9.81 7.45
CA CYS A 331 2.47 9.87 6.07
C CYS A 331 3.40 11.04 5.83
N LEU A 332 3.06 12.21 6.38
CA LEU A 332 3.92 13.37 6.22
C LEU A 332 5.27 13.14 6.90
N LEU A 333 5.27 12.53 8.09
CA LEU A 333 6.53 12.27 8.77
C LEU A 333 7.41 11.31 7.98
N LEU A 334 6.83 10.24 7.43
CA LEU A 334 7.61 9.28 6.66
C LEU A 334 8.19 9.93 5.41
N LEU A 335 7.39 10.74 4.73
CA LEU A 335 7.94 11.40 3.55
C LEU A 335 8.99 12.42 3.92
N PHE A 336 8.87 13.04 5.10
CA PHE A 336 9.90 13.98 5.52
C PHE A 336 11.20 13.22 5.76
N LEU A 337 11.11 12.05 6.36
CA LEU A 337 12.30 11.27 6.64
C LEU A 337 13.00 10.90 5.36
N GLU A 338 12.24 10.44 4.36
CA GLU A 338 12.90 10.12 3.09
C GLU A 338 13.47 11.35 2.40
N ALA A 339 12.75 12.47 2.44
CA ALA A 339 13.16 13.71 1.80
C ALA A 339 14.37 14.36 2.46
N ARG A 340 14.69 13.99 3.68
CA ARG A 340 15.82 14.58 4.38
C ARG A 340 16.93 13.56 4.60
N ARG A 341 16.63 12.43 5.21
CA ARG A 341 17.64 11.44 5.53
C ARG A 341 18.04 10.60 4.31
N LEU A 342 17.35 10.69 3.17
CA LEU A 342 17.74 9.89 2.03
C LEU A 342 17.73 10.71 0.74
N TRP A 343 17.54 12.01 0.81
CA TRP A 343 17.61 12.88 -0.36
C TRP A 343 18.57 14.04 -0.19
N VAL A 344 18.68 14.61 1.01
CA VAL A 344 19.67 15.66 1.24
C VAL A 344 21.07 15.13 1.03
N THR A 345 21.35 13.94 1.57
CA THR A 345 22.63 13.29 1.28
C THR A 345 22.59 12.71 -0.13
N ARG A 346 23.63 13.00 -0.91
CA ARG A 346 23.67 12.57 -2.31
C ARG A 346 24.03 11.09 -2.36
N GLN A 347 23.01 10.26 -2.12
CA GLN A 347 23.21 8.82 -2.15
C GLN A 347 23.58 8.32 -3.54
N ALA A 348 22.93 8.87 -4.58
CA ALA A 348 23.17 8.48 -5.96
C ALA A 348 23.00 6.97 -6.18
N ILE A 349 21.91 6.43 -5.63
CA ILE A 349 21.61 5.00 -5.71
C ILE A 349 20.19 4.82 -6.23
N ARG A 350 19.92 3.63 -6.76
CA ARG A 350 18.56 3.30 -7.18
C ARG A 350 17.61 3.39 -6.01
N VAL A 351 16.67 4.32 -6.07
CA VAL A 351 15.81 4.62 -4.94
C VAL A 351 14.70 3.57 -4.85
N ALA A 352 14.95 2.51 -4.10
CA ALA A 352 13.96 1.50 -3.83
C ALA A 352 13.94 1.23 -2.34
N SER A 353 12.97 0.43 -1.91
CA SER A 353 12.74 0.13 -0.51
C SER A 353 12.44 1.36 0.33
N GLY A 354 12.22 2.50 -0.31
CA GLY A 354 11.81 3.68 0.40
C GLY A 354 10.35 3.63 0.73
N PHE A 355 9.91 4.62 1.50
CA PHE A 355 8.50 4.73 1.85
C PHE A 355 7.73 5.62 0.89
N ALA A 356 8.38 6.10 -0.15
CA ALA A 356 7.69 6.97 -1.10
C ALA A 356 6.54 6.21 -1.75
N ALA A 357 6.84 5.08 -2.39
CA ALA A 357 5.83 4.34 -3.14
C ALA A 357 4.66 3.89 -2.28
N PRO A 358 4.84 3.10 -1.22
CA PRO A 358 3.68 2.56 -0.51
C PRO A 358 2.89 3.59 0.26
N ILE A 359 3.47 4.76 0.57
CA ILE A 359 2.74 5.80 1.27
C ILE A 359 2.08 6.76 0.29
N LEU A 360 2.75 7.07 -0.82
CA LEU A 360 2.09 7.82 -1.87
C LEU A 360 0.91 7.06 -2.45
N ALA A 361 0.98 5.74 -2.48
CA ALA A 361 -0.18 4.97 -2.87
C ALA A 361 -1.33 5.18 -1.89
N ILE A 362 -1.03 5.21 -0.60
CA ILE A 362 -2.08 5.46 0.39
C ILE A 362 -2.67 6.86 0.20
N LEU A 363 -1.81 7.84 -0.03
CA LEU A 363 -2.31 9.19 -0.24
C LEU A 363 -3.20 9.27 -1.49
N VAL A 364 -2.81 8.57 -2.56
CA VAL A 364 -3.61 8.58 -3.78
C VAL A 364 -4.95 7.88 -3.56
N PHE A 365 -4.94 6.77 -2.82
CA PHE A 365 -6.21 6.11 -2.51
C PHE A 365 -7.10 7.02 -1.68
N LEU A 366 -6.52 7.74 -0.72
CA LEU A 366 -7.31 8.70 0.06
C LEU A 366 -7.87 9.79 -0.82
N SER A 367 -7.08 10.31 -1.76
CA SER A 367 -7.59 11.32 -2.68
C SER A 367 -8.74 10.76 -3.52
N GLY A 368 -8.60 9.52 -3.98
CA GLY A 368 -9.67 8.93 -4.77
C GLY A 368 -10.94 8.76 -3.99
N VAL A 369 -10.85 8.24 -2.76
CA VAL A 369 -12.07 8.06 -1.97
C VAL A 369 -12.66 9.41 -1.59
N VAL A 370 -11.81 10.42 -1.36
CA VAL A 370 -12.32 11.75 -1.07
C VAL A 370 -13.09 12.31 -2.26
N LEU A 371 -12.56 12.14 -3.47
CA LEU A 371 -13.28 12.60 -4.65
C LEU A 371 -14.60 11.87 -4.82
N LEU A 372 -14.59 10.56 -4.60
CA LEU A 372 -15.83 9.78 -4.73
C LEU A 372 -16.86 10.26 -3.73
N PHE A 373 -16.45 10.49 -2.50
CA PHE A 373 -17.39 10.94 -1.47
C PHE A 373 -17.91 12.34 -1.77
N SER A 374 -17.05 13.24 -2.22
CA SER A 374 -17.50 14.58 -2.56
C SER A 374 -18.43 14.58 -3.75
N GLY A 375 -18.33 13.57 -4.62
CA GLY A 375 -19.27 13.47 -5.72
C GLY A 375 -20.70 13.28 -5.27
N ALA A 376 -20.91 12.48 -4.23
CA ALA A 376 -22.28 12.17 -3.79
C ALA A 376 -22.94 13.34 -3.07
N THR A 377 -22.19 14.06 -2.25
CA THR A 377 -22.79 15.12 -1.45
C THR A 377 -23.14 16.32 -2.33
N PRO A 378 -24.31 16.93 -2.12
CA PRO A 378 -24.63 18.16 -2.84
C PRO A 378 -23.71 19.30 -2.44
N ALA A 379 -23.50 20.21 -3.37
CA ALA A 379 -22.58 21.31 -3.15
C ALA A 379 -23.18 22.34 -2.21
N ILE A 380 -22.31 23.23 -1.72
CA ILE A 380 -22.73 24.31 -0.84
C ILE A 380 -23.60 25.27 -1.63
N ASP A 381 -24.75 25.63 -1.06
CA ASP A 381 -25.75 26.39 -1.79
C ASP A 381 -25.20 27.71 -2.30
N THR A 382 -24.59 28.50 -1.42
CA THR A 382 -24.05 29.79 -1.85
C THR A 382 -22.89 29.62 -2.82
N ARG A 383 -22.00 28.66 -2.56
CA ARG A 383 -20.90 28.40 -3.48
C ARG A 383 -21.42 27.92 -4.83
N LEU A 384 -22.41 27.04 -4.82
CA LEU A 384 -22.97 26.55 -6.06
C LEU A 384 -23.62 27.68 -6.85
N GLU A 385 -24.35 28.56 -6.18
CA GLU A 385 -24.98 29.67 -6.87
C GLU A 385 -23.92 30.61 -7.45
N HIS A 386 -22.90 30.93 -6.67
CA HIS A 386 -21.84 31.82 -7.15
C HIS A 386 -21.11 31.23 -8.35
N LEU A 387 -20.86 29.93 -8.31
CA LEU A 387 -20.21 29.26 -9.44
C LEU A 387 -21.12 29.26 -10.66
N GLY A 388 -22.37 28.85 -10.49
CA GLY A 388 -23.30 28.75 -11.60
C GLY A 388 -23.68 30.09 -12.19
N PHE A 389 -23.40 31.18 -11.50
CA PHE A 389 -23.60 32.49 -12.11
C PHE A 389 -22.40 32.91 -12.93
N LEU A 390 -21.43 32.02 -13.15
CA LEU A 390 -20.26 32.32 -13.96
C LEU A 390 -19.87 31.24 -14.96
N ILE A 391 -20.21 29.98 -14.72
CA ILE A 391 -19.83 28.86 -15.57
C ILE A 391 -21.08 28.18 -16.10
N PRO A 392 -21.12 27.79 -17.37
CA PRO A 392 -22.30 27.10 -17.90
C PRO A 392 -22.62 25.84 -17.11
N HIS A 393 -23.92 25.59 -16.93
CA HIS A 393 -24.36 24.56 -16.00
C HIS A 393 -24.11 23.16 -16.55
N ARG A 394 -24.21 22.98 -17.86
CA ARG A 394 -23.88 21.69 -18.44
C ARG A 394 -22.42 21.38 -18.24
N LEU A 395 -21.57 22.40 -18.25
CA LEU A 395 -20.18 22.22 -17.89
C LEU A 395 -20.05 21.76 -16.44
N ILE A 396 -20.90 22.26 -15.56
CA ILE A 396 -20.90 21.81 -14.17
C ILE A 396 -21.23 20.33 -14.09
N ASP A 397 -22.26 19.91 -14.81
CA ASP A 397 -22.64 18.51 -14.78
C ASP A 397 -21.54 17.62 -15.35
N ALA A 398 -20.96 18.02 -16.48
CA ALA A 398 -19.88 17.25 -17.08
C ALA A 398 -18.67 17.18 -16.16
N SER A 399 -18.33 18.29 -15.51
CA SER A 399 -17.21 18.30 -14.59
C SER A 399 -17.47 17.38 -13.41
N HIS A 400 -18.69 17.36 -12.90
CA HIS A 400 -19.02 16.46 -11.82
C HIS A 400 -18.81 15.01 -12.25
N LEU A 401 -19.34 14.65 -13.42
CA LEU A 401 -19.23 13.26 -13.85
C LEU A 401 -17.77 12.86 -14.09
N VAL A 402 -17.01 13.71 -14.77
CA VAL A 402 -15.62 13.38 -15.06
C VAL A 402 -14.78 13.37 -13.79
N ALA A 403 -15.09 14.23 -12.81
CA ALA A 403 -14.38 14.20 -11.54
C ALA A 403 -14.63 12.89 -10.80
N SER A 404 -15.87 12.42 -10.81
CA SER A 404 -16.14 11.11 -10.21
C SER A 404 -15.39 10.00 -10.91
N LEU A 405 -15.37 10.03 -12.25
CA LEU A 405 -14.64 9.02 -13.01
C LEU A 405 -13.14 9.07 -12.71
N ILE A 406 -12.60 10.28 -12.60
CA ILE A 406 -11.18 10.44 -12.30
C ILE A 406 -10.88 9.95 -10.90
N GLY A 407 -11.81 10.15 -9.98
CA GLY A 407 -11.63 9.60 -8.64
C GLY A 407 -11.57 8.09 -8.65
N VAL A 408 -12.45 7.44 -9.40
CA VAL A 408 -12.37 5.99 -9.50
C VAL A 408 -11.06 5.57 -10.14
N LEU A 409 -10.62 6.29 -11.17
CA LEU A 409 -9.37 5.96 -11.85
C LEU A 409 -8.18 6.09 -10.92
N CYS A 410 -8.13 7.15 -10.10
CA CYS A 410 -7.04 7.29 -9.15
C CYS A 410 -7.09 6.20 -8.09
N LEU A 411 -8.29 5.86 -7.65
CA LEU A 411 -8.42 4.78 -6.69
C LEU A 411 -7.86 3.48 -7.25
N LEU A 412 -8.12 3.21 -8.52
CA LEU A 412 -7.58 1.99 -9.13
C LEU A 412 -6.08 2.08 -9.39
N LEU A 413 -5.60 3.26 -9.79
CA LEU A 413 -4.18 3.45 -10.08
C LEU A 413 -3.33 3.43 -8.83
N ALA A 414 -3.94 3.59 -7.66
CA ALA A 414 -3.18 3.50 -6.42
C ALA A 414 -2.42 2.17 -6.32
N GLN A 415 -2.95 1.11 -6.91
CA GLN A 415 -2.22 -0.15 -6.94
C GLN A 415 -0.94 -0.02 -7.76
N GLY A 416 -1.01 0.67 -8.89
CA GLY A 416 0.15 0.79 -9.75
C GLY A 416 1.28 1.55 -9.10
N LEU A 417 0.96 2.56 -8.29
CA LEU A 417 1.99 3.36 -7.66
C LEU A 417 2.83 2.54 -6.69
N ARG A 418 2.19 1.65 -5.92
CA ARG A 418 2.92 0.85 -4.95
C ARG A 418 3.87 -0.13 -5.61
N ARG A 419 3.66 -0.44 -6.88
CA ARG A 419 4.55 -1.30 -7.64
C ARG A 419 5.61 -0.52 -8.38
N ARG A 420 5.65 0.80 -8.21
CA ARG A 420 6.71 1.64 -8.76
C ARG A 420 6.76 1.57 -10.29
N LEU A 421 5.68 2.03 -10.91
CA LEU A 421 5.57 2.13 -12.36
C LEU A 421 5.63 3.59 -12.77
N SER A 422 6.51 3.91 -13.71
CA SER A 422 6.63 5.29 -14.16
C SER A 422 5.37 5.78 -14.86
N ALA A 423 4.78 4.92 -15.70
CA ALA A 423 3.54 5.30 -16.37
C ALA A 423 2.42 5.55 -15.38
N ALA A 424 2.31 4.71 -14.34
CA ALA A 424 1.32 4.95 -13.31
C ALA A 424 1.57 6.27 -12.60
N TRP A 425 2.83 6.59 -12.34
CA TRP A 425 3.14 7.86 -11.71
C TRP A 425 2.69 9.03 -12.56
N ALA A 426 3.05 9.02 -13.84
CA ALA A 426 2.66 10.13 -14.71
C ALA A 426 1.15 10.25 -14.85
N LEU A 427 0.48 9.13 -15.06
CA LEU A 427 -0.96 9.16 -15.22
C LEU A 427 -1.65 9.66 -13.95
N THR A 428 -1.20 9.19 -12.79
CA THR A 428 -1.81 9.62 -11.54
C THR A 428 -1.57 11.09 -11.28
N LEU A 429 -0.38 11.59 -11.58
CA LEU A 429 -0.12 13.01 -11.39
C LEU A 429 -1.03 13.85 -12.29
N VAL A 430 -1.13 13.47 -13.56
CA VAL A 430 -1.99 14.22 -14.47
C VAL A 430 -3.44 14.15 -14.03
N LEU A 431 -3.90 12.97 -13.61
CA LEU A 431 -5.27 12.82 -13.17
C LEU A 431 -5.55 13.62 -11.92
N LEU A 432 -4.60 13.69 -10.99
CA LEU A 432 -4.80 14.50 -9.79
C LEU A 432 -4.89 15.97 -10.13
N LEU A 433 -4.03 16.46 -11.01
CA LEU A 433 -4.12 17.86 -11.41
C LEU A 433 -5.46 18.15 -12.08
N VAL A 434 -5.89 17.29 -13.00
CA VAL A 434 -7.15 17.49 -13.68
C VAL A 434 -8.31 17.37 -12.71
N GLY A 435 -8.21 16.48 -11.71
CA GLY A 435 -9.27 16.36 -10.72
C GLY A 435 -9.37 17.59 -9.84
N ALA A 436 -8.25 18.21 -9.50
CA ALA A 436 -8.31 19.47 -8.78
C ALA A 436 -8.98 20.55 -9.63
N LEU A 437 -8.61 20.61 -10.91
CA LEU A 437 -9.24 21.59 -11.79
C LEU A 437 -10.74 21.35 -11.90
N LEU A 438 -11.14 20.09 -12.03
CA LEU A 438 -12.56 19.79 -12.15
C LEU A 438 -13.31 19.95 -10.84
N SER A 439 -12.64 19.84 -9.69
CA SER A 439 -13.31 20.18 -8.44
C SER A 439 -13.52 21.67 -8.32
N LEU A 440 -12.56 22.47 -8.76
CA LEU A 440 -12.81 23.91 -8.80
C LEU A 440 -13.93 24.27 -9.77
N LEU A 441 -13.96 23.61 -10.94
CA LEU A 441 -15.03 23.86 -11.92
C LEU A 441 -16.38 23.41 -11.38
N LYS A 442 -16.40 22.29 -10.66
CA LYS A 442 -17.59 21.83 -9.96
C LYS A 442 -17.87 22.77 -8.81
N GLY A 443 -18.91 22.48 -8.04
CA GLY A 443 -19.25 23.29 -6.88
C GLY A 443 -18.01 23.70 -6.12
N PHE A 444 -17.82 24.99 -5.93
CA PHE A 444 -16.52 25.53 -5.56
C PHE A 444 -16.02 24.88 -4.27
N ASP A 445 -14.90 24.19 -4.37
CA ASP A 445 -14.37 23.37 -3.29
C ASP A 445 -12.91 23.75 -3.00
N TRP A 446 -12.72 24.58 -1.99
CA TRP A 446 -11.39 24.90 -1.51
C TRP A 446 -10.70 23.65 -0.97
N GLU A 447 -11.47 22.80 -0.30
CA GLU A 447 -10.99 21.57 0.33
C GLU A 447 -10.41 20.58 -0.67
N GLU A 448 -11.24 20.00 -1.54
CA GLU A 448 -10.76 18.95 -2.41
C GLU A 448 -9.60 19.50 -3.24
N ALA A 449 -9.87 20.57 -4.00
CA ALA A 449 -8.86 21.17 -4.85
C ALA A 449 -7.53 21.21 -4.10
N SER A 450 -7.52 21.85 -2.93
CA SER A 450 -6.30 21.97 -2.14
C SER A 450 -5.68 20.60 -1.86
N LEU A 451 -6.43 19.73 -1.16
CA LEU A 451 -5.92 18.41 -0.79
C LEU A 451 -5.26 17.73 -1.98
N LEU A 452 -5.93 17.77 -3.13
CA LEU A 452 -5.43 17.12 -4.34
C LEU A 452 -4.17 17.81 -4.82
N SER A 453 -4.16 19.14 -4.90
CA SER A 453 -2.96 19.81 -5.34
C SER A 453 -1.78 19.46 -4.45
N LEU A 454 -2.01 19.39 -3.14
CA LEU A 454 -0.95 19.00 -2.22
C LEU A 454 -0.47 17.57 -2.49
N THR A 455 -1.39 16.64 -2.72
CA THR A 455 -0.99 15.27 -3.02
C THR A 455 -0.24 15.19 -4.33
N ALA A 456 -0.67 15.96 -5.33
CA ALA A 456 0.00 15.97 -6.62
C ALA A 456 1.41 16.52 -6.49
N ALA A 457 1.58 17.60 -5.75
CA ALA A 457 2.92 18.14 -5.56
C ALA A 457 3.79 17.15 -4.81
N LEU A 458 3.23 16.49 -3.80
CA LEU A 458 3.99 15.49 -3.04
C LEU A 458 4.41 14.33 -3.92
N LEU A 459 3.52 13.87 -4.79
CA LEU A 459 3.87 12.81 -5.73
C LEU A 459 4.92 13.27 -6.72
N ALA A 460 4.82 14.51 -7.20
CA ALA A 460 5.79 15.00 -8.16
C ALA A 460 7.18 15.10 -7.56
N MET A 461 7.27 15.48 -6.29
CA MET A 461 8.58 15.61 -5.66
C MET A 461 9.30 14.29 -5.49
N PHE A 462 8.61 13.15 -5.65
CA PHE A 462 9.19 11.83 -5.44
C PHE A 462 9.17 11.01 -6.71
N ARG A 463 9.57 11.64 -7.82
CA ARG A 463 9.56 10.96 -9.11
C ARG A 463 10.53 9.79 -9.13
N ARG A 464 11.70 9.96 -8.55
CA ARG A 464 12.77 8.97 -8.69
C ARG A 464 12.40 7.63 -8.06
N SER A 465 11.42 7.59 -7.15
CA SER A 465 11.08 6.32 -6.53
C SER A 465 10.50 5.35 -7.55
N PHE A 466 9.68 5.83 -8.47
CA PHE A 466 9.05 4.98 -9.47
C PHE A 466 9.94 4.94 -10.71
N TYR A 467 10.39 3.73 -11.07
CA TYR A 467 11.34 3.55 -12.16
C TYR A 467 10.96 2.50 -13.20
N ARG A 468 10.12 1.53 -12.87
CA ARG A 468 9.85 0.45 -13.81
C ARG A 468 9.12 0.98 -15.04
N PRO A 469 9.55 0.61 -16.25
CA PRO A 469 8.86 1.08 -17.45
C PRO A 469 7.73 0.16 -17.89
N SER A 470 7.29 -0.72 -17.00
CA SER A 470 6.28 -1.71 -17.33
C SER A 470 4.96 -1.04 -17.71
N ARG A 471 4.05 -1.83 -18.26
CA ARG A 471 2.76 -1.35 -18.75
C ARG A 471 1.68 -1.60 -17.71
N LEU A 472 0.78 -0.63 -17.57
CA LEU A 472 -0.28 -0.71 -16.56
C LEU A 472 -1.26 -1.84 -16.85
N MET A 473 -1.59 -2.04 -18.12
CA MET A 473 -2.58 -3.04 -18.49
C MET A 473 -2.15 -4.45 -18.12
N GLU A 474 -0.86 -4.68 -17.95
CA GLU A 474 -0.34 -5.99 -17.57
C GLU A 474 -0.12 -6.12 -16.07
N VAL A 475 -0.50 -5.12 -15.29
CA VAL A 475 -0.31 -5.15 -13.85
C VAL A 475 -1.24 -6.18 -13.23
N PRO A 476 -0.70 -7.15 -12.49
CA PRO A 476 -1.56 -8.11 -11.80
C PRO A 476 -2.39 -7.41 -10.74
N PHE A 477 -3.61 -7.93 -10.52
CA PHE A 477 -4.53 -7.34 -9.57
C PHE A 477 -5.08 -8.42 -8.66
N SER A 478 -4.74 -8.33 -7.38
CA SER A 478 -5.27 -9.23 -6.39
C SER A 478 -6.73 -8.90 -6.12
N PRO A 479 -7.52 -9.90 -5.69
CA PRO A 479 -8.91 -9.60 -5.34
C PRO A 479 -9.06 -8.60 -4.21
N LEU A 480 -8.01 -8.40 -3.41
CA LEU A 480 -8.09 -7.44 -2.31
C LEU A 480 -8.35 -6.03 -2.81
N TYR A 481 -7.65 -5.62 -3.87
CA TYR A 481 -7.80 -4.25 -4.35
C TYR A 481 -9.16 -4.04 -4.99
N VAL A 482 -9.64 -5.01 -5.77
CA VAL A 482 -10.96 -4.87 -6.34
C VAL A 482 -12.02 -4.89 -5.26
N GLY A 483 -11.80 -5.68 -4.21
CA GLY A 483 -12.73 -5.64 -3.09
C GLY A 483 -12.75 -4.31 -2.39
N ALA A 484 -11.59 -3.70 -2.21
CA ALA A 484 -11.54 -2.36 -1.62
C ALA A 484 -12.25 -1.36 -2.50
N SER A 485 -12.08 -1.46 -3.81
CA SER A 485 -12.77 -0.55 -4.72
C SER A 485 -14.28 -0.74 -4.64
N ILE A 486 -14.75 -1.99 -4.58
CA ILE A 486 -16.17 -2.25 -4.43
C ILE A 486 -16.68 -1.67 -3.12
N CYS A 487 -15.91 -1.82 -2.04
CA CYS A 487 -16.32 -1.27 -0.76
C CYS A 487 -16.44 0.24 -0.80
N VAL A 488 -15.49 0.90 -1.44
CA VAL A 488 -15.54 2.36 -1.52
C VAL A 488 -16.72 2.81 -2.38
N VAL A 489 -16.99 2.08 -3.46
CA VAL A 489 -18.14 2.43 -4.32
C VAL A 489 -19.44 2.25 -3.55
N GLY A 490 -19.56 1.17 -2.78
CA GLY A 490 -20.74 0.98 -1.95
C GLY A 490 -20.88 2.08 -0.91
N ALA A 491 -19.78 2.50 -0.31
CA ALA A 491 -19.82 3.60 0.65
C ALA A 491 -20.28 4.88 -0.02
N SER A 492 -19.82 5.14 -1.24
CA SER A 492 -20.23 6.35 -1.95
C SER A 492 -21.72 6.29 -2.26
N VAL A 493 -22.22 5.13 -2.67
CA VAL A 493 -23.65 5.03 -2.97
C VAL A 493 -24.48 5.15 -1.69
N TRP A 494 -23.97 4.65 -0.57
CA TRP A 494 -24.65 4.85 0.71
C TRP A 494 -24.72 6.33 1.06
N LEU A 495 -23.61 7.04 0.87
CA LEU A 495 -23.60 8.46 1.14
C LEU A 495 -24.55 9.21 0.21
N LEU A 496 -24.63 8.78 -1.04
CA LEU A 496 -25.60 9.35 -1.97
C LEU A 496 -27.02 9.17 -1.47
N LEU A 497 -27.35 7.95 -1.05
CA LEU A 497 -28.70 7.69 -0.58
C LEU A 497 -29.03 8.50 0.66
N PHE A 498 -28.08 8.59 1.59
CA PHE A 498 -28.34 9.30 2.84
C PHE A 498 -28.43 10.80 2.62
N ALA A 499 -27.47 11.37 1.90
CA ALA A 499 -27.40 12.82 1.79
C ALA A 499 -28.56 13.37 0.96
N ASN A 500 -28.82 12.78 -0.20
CA ASN A 500 -29.88 13.24 -1.08
C ASN A 500 -31.16 12.46 -0.84
N GLN A 501 -31.62 12.48 0.41
CA GLN A 501 -32.91 11.92 0.76
C GLN A 501 -34.03 12.94 0.73
N ASP A 502 -33.68 14.22 0.54
CA ASP A 502 -34.70 15.27 0.42
C ASP A 502 -35.49 15.09 -0.87
N VAL A 503 -34.81 14.84 -1.98
CA VAL A 503 -35.47 14.71 -3.27
C VAL A 503 -36.03 13.31 -3.41
N HIS A 504 -37.29 13.22 -3.84
CA HIS A 504 -37.91 11.94 -4.09
C HIS A 504 -37.32 11.31 -5.34
N TYR A 505 -37.44 9.98 -5.45
CA TYR A 505 -36.86 9.25 -6.57
C TYR A 505 -37.87 9.04 -7.68
N SER A 506 -37.41 9.21 -8.91
CA SER A 506 -38.23 8.98 -10.09
C SER A 506 -37.33 8.70 -11.27
N ASN A 507 -37.89 8.01 -12.27
CA ASN A 507 -37.11 7.68 -13.45
C ASN A 507 -36.74 8.92 -14.25
N GLN A 508 -37.45 10.03 -14.05
CA GLN A 508 -37.10 11.27 -14.73
C GLN A 508 -35.91 11.96 -14.12
N LEU A 509 -35.42 11.51 -12.97
CA LEU A 509 -34.26 12.14 -12.35
C LEU A 509 -33.02 11.97 -13.23
N TRP A 510 -32.84 10.80 -13.82
CA TRP A 510 -31.68 10.56 -14.66
C TRP A 510 -31.63 11.51 -15.85
N TRP A 511 -32.78 11.81 -16.43
CA TRP A 511 -32.85 12.76 -17.53
C TRP A 511 -32.86 14.21 -17.06
N GLN A 512 -32.99 14.46 -15.77
CA GLN A 512 -33.02 15.82 -15.26
C GLN A 512 -31.64 16.47 -15.37
N PHE A 513 -31.63 17.74 -15.77
CA PHE A 513 -30.40 18.52 -15.94
C PHE A 513 -30.69 19.94 -15.50
N ALA A 514 -30.25 20.30 -14.31
CA ALA A 514 -30.46 21.65 -13.79
C ALA A 514 -29.32 22.01 -12.85
N LEU A 515 -29.11 23.31 -12.68
CA LEU A 515 -28.08 23.77 -11.76
C LEU A 515 -28.45 23.49 -10.31
N ASP A 516 -29.67 23.83 -9.90
CA ASP A 516 -30.06 23.61 -8.51
C ASP A 516 -30.28 22.14 -8.20
N ALA A 517 -30.60 21.32 -9.20
CA ALA A 517 -30.80 19.91 -8.94
C ALA A 517 -29.46 19.22 -8.71
N ASP A 518 -29.32 18.58 -7.55
CA ASP A 518 -28.10 17.88 -7.19
C ASP A 518 -28.28 16.38 -7.08
N ALA A 519 -29.48 15.90 -6.77
CA ALA A 519 -29.72 14.47 -6.74
C ALA A 519 -29.48 13.81 -8.10
N PRO A 520 -29.97 14.36 -9.22
CA PRO A 520 -29.65 13.74 -10.51
C PRO A 520 -28.16 13.71 -10.78
N ARG A 521 -27.44 14.77 -10.40
CA ARG A 521 -26.01 14.81 -10.60
C ARG A 521 -25.34 13.64 -9.90
N ALA A 522 -25.66 13.47 -8.63
CA ALA A 522 -25.05 12.41 -7.85
C ALA A 522 -25.42 11.04 -8.40
N LEU A 523 -26.67 10.89 -8.85
CA LEU A 523 -27.08 9.63 -9.44
C LEU A 523 -26.28 9.31 -10.70
N ARG A 524 -26.12 10.28 -11.58
CA ARG A 524 -25.34 10.05 -12.79
C ARG A 524 -23.89 9.75 -12.47
N ALA A 525 -23.31 10.46 -11.52
CA ALA A 525 -21.92 10.20 -11.15
C ALA A 525 -21.75 8.80 -10.59
N ALA A 526 -22.65 8.38 -9.70
CA ALA A 526 -22.55 7.04 -9.14
C ALA A 526 -22.72 5.98 -10.21
N LEU A 527 -23.68 6.17 -11.12
CA LEU A 527 -23.87 5.20 -12.18
C LEU A 527 -22.65 5.10 -13.09
N GLY A 528 -22.07 6.25 -13.45
CA GLY A 528 -20.89 6.22 -14.30
C GLY A 528 -19.70 5.58 -13.62
N SER A 529 -19.49 5.88 -12.33
CA SER A 529 -18.40 5.24 -11.60
C SER A 529 -18.59 3.74 -11.54
N CYS A 530 -19.81 3.30 -11.25
CA CYS A 530 -20.08 1.87 -11.20
C CYS A 530 -19.83 1.21 -12.56
N LEU A 531 -20.28 1.85 -13.64
CA LEU A 531 -20.09 1.28 -14.96
C LEU A 531 -18.61 1.19 -15.31
N LEU A 532 -17.86 2.25 -15.04
CA LEU A 532 -16.43 2.23 -15.35
C LEU A 532 -15.70 1.18 -14.54
N LEU A 533 -16.00 1.09 -13.24
CA LEU A 533 -15.33 0.10 -12.41
C LEU A 533 -15.69 -1.32 -12.85
N LEU A 534 -16.95 -1.56 -13.19
CA LEU A 534 -17.34 -2.89 -13.64
C LEU A 534 -16.66 -3.25 -14.95
N ALA A 535 -16.57 -2.30 -15.89
CA ALA A 535 -15.90 -2.56 -17.15
C ALA A 535 -14.44 -2.89 -16.93
N LEU A 536 -13.76 -2.11 -16.09
CA LEU A 536 -12.34 -2.37 -15.84
C LEU A 536 -12.14 -3.71 -15.15
N ALA A 537 -12.98 -4.04 -14.17
CA ALA A 537 -12.86 -5.31 -13.47
C ALA A 537 -13.09 -6.48 -14.41
N LEU A 538 -14.09 -6.39 -15.26
CA LEU A 538 -14.33 -7.46 -16.23
C LEU A 538 -13.15 -7.61 -17.18
N GLY A 539 -12.63 -6.48 -17.68
CA GLY A 539 -11.49 -6.54 -18.59
C GLY A 539 -10.27 -7.17 -17.96
N TRP A 540 -10.01 -6.85 -16.69
CA TRP A 540 -8.86 -7.45 -16.02
C TRP A 540 -9.14 -8.87 -15.54
N LEU A 541 -10.40 -9.28 -15.48
CA LEU A 541 -10.72 -10.65 -15.08
C LEU A 541 -10.76 -11.60 -16.26
N LEU A 542 -11.07 -11.12 -17.46
CA LEU A 542 -11.12 -11.99 -18.63
C LEU A 542 -9.78 -12.11 -19.34
N ARG A 543 -8.72 -11.51 -18.81
CA ARG A 543 -7.43 -11.54 -19.47
C ARG A 543 -6.91 -12.97 -19.54
N ALA A 544 -6.23 -13.29 -20.64
CA ALA A 544 -5.72 -14.62 -20.87
C ALA A 544 -4.61 -14.96 -19.90
N ALA A 545 -4.52 -16.25 -19.56
CA ALA A 545 -3.49 -16.71 -18.63
C ALA A 545 -2.11 -16.63 -19.29
N PRO A 546 -1.07 -16.30 -18.54
CA PRO A 546 0.28 -16.24 -19.10
C PRO A 546 0.77 -17.63 -19.46
N PRO A 547 1.72 -17.73 -20.40
CA PRO A 547 2.24 -19.05 -20.78
C PRO A 547 2.95 -19.73 -19.63
N ALA A 548 2.88 -21.06 -19.62
CA ALA A 548 3.53 -21.82 -18.58
C ALA A 548 5.06 -21.80 -18.75
N ILE A 549 5.75 -22.19 -17.70
CA ILE A 549 7.20 -22.20 -17.73
C ILE A 549 7.70 -23.29 -18.67
N ARG A 550 8.79 -23.02 -19.37
CA ARG A 550 9.36 -23.96 -20.32
C ARG A 550 10.88 -23.99 -20.18
N GLU A 551 11.45 -25.13 -20.53
CA GLU A 551 12.90 -25.30 -20.45
C GLU A 551 13.56 -24.45 -21.53
N PRO A 552 14.64 -23.75 -21.20
CA PRO A 552 15.29 -22.88 -22.19
C PRO A 552 15.94 -23.67 -23.31
N ASN A 553 16.03 -23.03 -24.47
CA ASN A 553 16.61 -23.62 -25.66
C ASN A 553 18.07 -23.18 -25.80
N ALA A 554 18.69 -23.60 -26.90
CA ALA A 554 20.11 -23.32 -27.10
C ALA A 554 20.39 -21.82 -27.22
N GLU A 555 19.52 -21.09 -27.90
CA GLU A 555 19.75 -19.66 -28.07
C GLU A 555 19.70 -18.94 -26.73
N GLU A 556 18.73 -19.28 -25.89
CA GLU A 556 18.66 -18.68 -24.57
C GLU A 556 19.84 -19.09 -23.71
N LEU A 557 20.32 -20.32 -23.86
CA LEU A 557 21.51 -20.73 -23.12
C LEU A 557 22.73 -19.92 -23.53
N GLN A 558 22.88 -19.66 -24.84
CA GLN A 558 23.98 -18.83 -25.30
C GLN A 558 23.85 -17.41 -24.79
N ARG A 559 22.63 -16.87 -24.78
CA ARG A 559 22.42 -15.54 -24.21
C ARG A 559 22.82 -15.50 -22.74
N ALA A 560 22.40 -16.50 -21.98
CA ALA A 560 22.75 -16.57 -20.57
C ALA A 560 24.26 -16.66 -20.37
N ALA A 561 24.94 -17.46 -21.19
CA ALA A 561 26.39 -17.56 -21.09
C ALA A 561 27.05 -16.22 -21.37
N ARG A 562 26.57 -15.52 -22.39
CA ARG A 562 27.11 -14.20 -22.69
C ARG A 562 26.90 -13.23 -21.55
N ILE A 563 25.71 -13.25 -20.94
CA ILE A 563 25.43 -12.35 -19.83
C ILE A 563 26.34 -12.67 -18.64
N ILE A 564 26.53 -13.96 -18.34
CA ILE A 564 27.40 -14.35 -17.24
C ILE A 564 28.82 -13.90 -17.49
N ARG A 565 29.30 -14.07 -18.72
CA ARG A 565 30.64 -13.61 -19.05
C ARG A 565 30.77 -12.11 -18.88
N HIS A 566 29.76 -11.35 -19.31
CA HIS A 566 29.83 -9.90 -19.14
C HIS A 566 29.57 -9.45 -17.71
N SER A 567 29.08 -10.32 -16.84
CA SER A 567 28.80 -9.98 -15.46
C SER A 567 30.02 -10.30 -14.59
N ASP A 568 29.84 -10.20 -13.27
CA ASP A 568 30.91 -10.52 -12.31
C ASP A 568 30.40 -11.42 -11.20
N GLN A 569 29.44 -12.29 -11.51
CA GLN A 569 28.89 -13.24 -10.54
C GLN A 569 29.03 -14.65 -11.09
N PRO A 570 30.16 -15.31 -10.84
CA PRO A 570 30.36 -16.67 -11.36
C PRO A 570 29.37 -17.66 -10.81
N ASP A 571 28.71 -17.34 -9.69
CA ASP A 571 27.70 -18.23 -9.15
C ASP A 571 26.53 -18.41 -10.11
N GLY A 572 26.35 -17.50 -11.05
CA GLY A 572 25.28 -17.62 -12.02
C GLY A 572 25.51 -18.64 -13.09
N GLY A 573 26.72 -19.22 -13.16
CA GLY A 573 27.00 -20.22 -14.17
C GLY A 573 26.16 -21.47 -14.03
N LEU A 574 25.46 -21.66 -12.91
CA LEU A 574 24.56 -22.80 -12.76
C LEU A 574 23.40 -22.76 -13.74
N ALA A 575 23.12 -21.62 -14.36
CA ALA A 575 22.05 -21.52 -15.34
C ALA A 575 22.33 -22.34 -16.59
N LEU A 576 23.60 -22.61 -16.88
CA LEU A 576 23.95 -23.30 -18.12
C LEU A 576 23.65 -24.78 -18.07
N THR A 577 23.24 -25.31 -16.91
CA THR A 577 22.88 -26.72 -16.86
C THR A 577 21.61 -27.03 -17.62
N GLY A 578 20.84 -26.02 -18.00
CA GLY A 578 19.59 -26.24 -18.69
C GLY A 578 18.57 -26.96 -17.83
N ASP A 579 18.48 -26.61 -16.56
CA ASP A 579 17.52 -27.23 -15.66
C ASP A 579 16.66 -26.19 -14.94
N LYS A 580 16.85 -24.91 -15.23
CA LYS A 580 16.12 -23.85 -14.56
C LYS A 580 15.60 -22.88 -15.61
N ALA A 581 14.35 -22.48 -15.45
CA ALA A 581 13.75 -21.50 -16.35
C ALA A 581 14.40 -20.13 -16.18
N LEU A 582 14.53 -19.41 -17.28
CA LEU A 582 15.19 -18.12 -17.27
C LEU A 582 14.18 -17.01 -17.53
N LEU A 583 14.39 -15.87 -16.86
CA LEU A 583 13.56 -14.69 -17.01
C LEU A 583 14.47 -13.55 -17.45
N PHE A 584 14.68 -13.43 -18.75
CA PHE A 584 15.56 -12.39 -19.27
C PHE A 584 14.95 -11.01 -19.12
N HIS A 585 15.76 -10.07 -18.65
CA HIS A 585 15.33 -8.68 -18.69
C HIS A 585 15.29 -8.19 -20.12
N GLU A 586 14.32 -7.33 -20.40
CA GLU A 586 14.01 -6.96 -21.77
C GLU A 586 14.81 -5.78 -22.28
N SER A 587 15.76 -5.26 -21.51
CA SER A 587 16.47 -4.06 -21.98
C SER A 587 17.74 -4.45 -22.72
N ASP A 588 18.73 -4.96 -21.99
CA ASP A 588 19.87 -5.51 -22.72
C ASP A 588 20.44 -6.81 -22.18
N ASP A 589 20.58 -6.92 -20.85
CA ASP A 589 21.41 -7.98 -20.26
C ASP A 589 21.00 -8.19 -18.80
N ALA A 590 20.26 -9.26 -18.53
CA ALA A 590 20.03 -9.76 -17.18
C ALA A 590 19.19 -11.03 -17.30
N PHE A 591 19.21 -11.85 -16.26
CA PHE A 591 18.37 -13.03 -16.21
C PHE A 591 18.25 -13.50 -14.78
N LEU A 592 17.26 -14.34 -14.53
CA LEU A 592 16.99 -14.85 -13.19
C LEU A 592 16.51 -16.29 -13.28
N MET A 593 17.28 -17.20 -12.71
CA MET A 593 16.96 -18.62 -12.73
C MET A 593 15.89 -18.93 -11.70
N TYR A 594 14.97 -19.80 -12.07
CA TYR A 594 13.93 -20.22 -11.14
C TYR A 594 13.39 -21.57 -11.55
N ALA A 595 12.77 -22.25 -10.60
CA ALA A 595 12.13 -23.53 -10.83
C ALA A 595 10.87 -23.60 -10.00
N ARG A 596 9.82 -24.15 -10.59
CA ARG A 596 8.50 -24.19 -9.95
C ARG A 596 8.28 -25.57 -9.34
N ARG A 597 8.03 -25.59 -8.03
CA ARG A 597 7.65 -26.81 -7.33
C ARG A 597 6.36 -26.52 -6.58
N GLY A 598 5.32 -27.31 -6.85
CA GLY A 598 4.04 -27.10 -6.22
C GLY A 598 3.50 -25.72 -6.57
N ARG A 599 3.15 -24.95 -5.54
CA ARG A 599 2.65 -23.59 -5.71
C ARG A 599 3.71 -22.54 -5.45
N SER A 600 4.99 -22.92 -5.39
CA SER A 600 6.08 -22.01 -5.10
C SER A 600 7.05 -21.96 -6.26
N MET A 601 7.40 -20.76 -6.69
CA MET A 601 8.39 -20.57 -7.74
C MET A 601 9.74 -20.24 -7.10
N ILE A 602 10.44 -21.30 -6.68
CA ILE A 602 11.73 -21.15 -6.05
C ILE A 602 12.73 -20.63 -7.04
N ALA A 603 13.47 -19.61 -6.65
CA ALA A 603 14.47 -18.99 -7.51
C ALA A 603 15.86 -19.28 -6.97
N LEU A 604 16.85 -19.04 -7.82
CA LEU A 604 18.25 -19.21 -7.46
C LEU A 604 18.79 -17.89 -6.94
N TYR A 605 20.11 -17.73 -6.90
CA TYR A 605 20.74 -16.55 -6.36
C TYR A 605 20.23 -15.29 -7.06
N ASP A 606 20.60 -14.16 -6.48
CA ASP A 606 20.23 -12.83 -6.95
C ASP A 606 20.37 -12.70 -8.46
N PRO A 607 19.48 -11.97 -9.12
CA PRO A 607 19.53 -11.89 -10.58
C PRO A 607 20.88 -11.41 -11.08
N ILE A 608 21.34 -12.04 -12.14
CA ILE A 608 22.66 -11.79 -12.69
C ILE A 608 22.61 -10.56 -13.58
N GLY A 609 23.50 -9.61 -13.34
CA GLY A 609 23.55 -8.41 -14.12
C GLY A 609 23.84 -7.18 -13.29
N PRO A 610 23.72 -6.01 -13.90
CA PRO A 610 23.98 -4.77 -13.16
C PRO A 610 22.94 -4.54 -12.09
N ALA A 611 23.32 -3.73 -11.11
CA ALA A 611 22.42 -3.44 -10.00
C ALA A 611 21.17 -2.70 -10.46
N MET A 612 21.30 -1.85 -11.48
CA MET A 612 20.16 -1.07 -11.93
C MET A 612 19.07 -1.95 -12.50
N GLN A 613 19.43 -3.09 -13.09
CA GLN A 613 18.46 -4.02 -13.64
C GLN A 613 18.12 -5.15 -12.69
N ARG A 614 18.81 -5.24 -11.56
CA ARG A 614 18.52 -6.33 -10.62
C ARG A 614 17.18 -6.12 -9.94
N ALA A 615 16.91 -4.89 -9.49
CA ALA A 615 15.63 -4.60 -8.85
C ALA A 615 14.47 -4.74 -9.82
N GLU A 616 14.66 -4.27 -11.05
CA GLU A 616 13.61 -4.40 -12.06
C GLU A 616 13.30 -5.85 -12.33
N LEU A 617 14.33 -6.69 -12.41
CA LEU A 617 14.12 -8.12 -12.64
C LEU A 617 13.42 -8.76 -11.46
N ILE A 618 13.75 -8.33 -10.24
CA ILE A 618 13.08 -8.87 -9.06
C ILE A 618 11.60 -8.52 -9.11
N TRP A 619 11.29 -7.29 -9.46
CA TRP A 619 9.89 -6.88 -9.58
C TRP A 619 9.17 -7.68 -10.67
N GLN A 620 9.84 -7.91 -11.80
CA GLN A 620 9.25 -8.70 -12.86
C GLN A 620 8.97 -10.12 -12.41
N PHE A 621 9.90 -10.72 -11.68
CA PHE A 621 9.67 -12.06 -11.16
C PHE A 621 8.48 -12.07 -10.21
N ARG A 622 8.41 -11.08 -9.32
CA ARG A 622 7.29 -11.01 -8.40
C ARG A 622 5.96 -10.86 -9.14
N ASP A 623 5.93 -10.03 -10.18
CA ASP A 623 4.72 -9.91 -10.99
C ASP A 623 4.36 -11.24 -11.64
N LEU A 624 5.36 -11.96 -12.14
CA LEU A 624 5.11 -13.23 -12.80
C LEU A 624 4.52 -14.24 -11.83
N CYS A 625 5.05 -14.30 -10.61
CA CYS A 625 4.50 -15.24 -9.63
C CYS A 625 3.05 -14.92 -9.30
N ASP A 626 2.72 -13.63 -9.20
CA ASP A 626 1.34 -13.26 -8.88
C ASP A 626 0.38 -13.70 -9.97
N LEU A 627 0.78 -13.56 -11.24
CA LEU A 627 -0.07 -13.99 -12.34
C LEU A 627 -0.35 -15.49 -12.29
N HIS A 628 0.65 -16.27 -11.91
CA HIS A 628 0.50 -17.72 -11.82
C HIS A 628 -0.08 -18.15 -10.49
N HIS A 629 -0.39 -17.21 -9.60
CA HIS A 629 -0.89 -17.52 -8.26
C HIS A 629 0.08 -18.43 -7.51
N ALA A 630 1.36 -18.06 -7.56
CA ALA A 630 2.41 -18.84 -6.93
C ALA A 630 3.20 -17.94 -5.98
N ARG A 631 3.62 -18.52 -4.86
CA ARG A 631 4.36 -17.76 -3.85
C ARG A 631 5.82 -17.61 -4.26
N PRO A 632 6.35 -16.39 -4.34
CA PRO A 632 7.77 -16.21 -4.71
C PRO A 632 8.68 -16.65 -3.58
N VAL A 633 9.72 -17.40 -3.92
CA VAL A 633 10.71 -17.89 -2.95
C VAL A 633 12.08 -17.75 -3.58
N PHE A 634 13.04 -17.23 -2.81
CA PHE A 634 14.41 -17.10 -3.27
C PHE A 634 15.31 -18.06 -2.52
N TYR A 635 16.60 -18.01 -2.82
CA TYR A 635 17.54 -18.96 -2.22
C TYR A 635 18.93 -18.36 -2.31
N GLN A 636 19.62 -18.32 -1.17
CA GLN A 636 21.00 -17.85 -1.08
C GLN A 636 21.14 -16.44 -1.64
N VAL A 637 20.50 -15.52 -0.95
CA VAL A 637 20.47 -14.13 -1.38
C VAL A 637 21.61 -13.37 -0.70
N ARG A 638 22.35 -12.60 -1.49
CA ARG A 638 23.40 -11.76 -0.96
C ARG A 638 22.81 -10.67 -0.07
N ALA A 639 23.59 -10.26 0.91
CA ALA A 639 23.11 -9.30 1.91
C ALA A 639 22.82 -7.93 1.32
N GLU A 640 23.42 -7.59 0.19
CA GLU A 640 23.30 -6.25 -0.36
C GLU A 640 21.91 -5.98 -0.91
N ASN A 641 21.24 -7.00 -1.43
CA ASN A 641 20.00 -6.82 -2.16
C ASN A 641 18.76 -6.90 -1.28
N LEU A 642 18.92 -7.06 0.03
CA LEU A 642 17.77 -7.20 0.91
C LEU A 642 16.76 -6.06 0.82
N PRO A 643 17.13 -4.79 0.60
CA PRO A 643 16.10 -3.76 0.46
C PRO A 643 15.07 -4.07 -0.62
N PHE A 644 15.50 -4.61 -1.76
CA PHE A 644 14.54 -4.94 -2.83
C PHE A 644 13.66 -6.11 -2.42
N TYR A 645 14.24 -7.15 -1.84
CA TYR A 645 13.44 -8.26 -1.38
C TYR A 645 12.43 -7.81 -0.34
N MET A 646 12.77 -6.79 0.45
CA MET A 646 11.83 -6.26 1.42
C MET A 646 10.72 -5.46 0.75
N ASP A 647 11.06 -4.60 -0.21
CA ASP A 647 10.03 -3.74 -0.76
C ASP A 647 9.12 -4.47 -1.72
N ILE A 648 9.52 -5.63 -2.25
CA ILE A 648 8.54 -6.42 -2.97
C ILE A 648 7.74 -7.30 -2.04
N GLY A 649 8.11 -7.36 -0.76
CA GLY A 649 7.31 -8.11 0.19
C GLY A 649 7.83 -9.49 0.52
N LEU A 650 9.13 -9.60 0.72
CA LEU A 650 9.74 -10.84 1.14
C LEU A 650 10.46 -10.64 2.46
N THR A 651 10.35 -11.62 3.35
CA THR A 651 10.96 -11.58 4.66
C THR A 651 12.30 -12.29 4.63
N ALA A 652 13.34 -11.62 5.11
CA ALA A 652 14.67 -12.21 5.16
C ALA A 652 14.73 -13.35 6.16
N LEU A 653 15.55 -14.35 5.87
CA LEU A 653 15.74 -15.47 6.79
C LEU A 653 17.12 -16.07 6.49
N LYS A 654 18.08 -15.80 7.36
CA LYS A 654 19.40 -16.36 7.21
C LYS A 654 19.36 -17.88 7.34
N LEU A 655 20.06 -18.56 6.43
CA LEU A 655 20.09 -20.02 6.44
C LEU A 655 21.48 -20.61 6.28
N GLY A 656 22.49 -19.82 5.94
CA GLY A 656 23.82 -20.36 5.78
C GLY A 656 24.86 -19.27 5.66
N GLU A 657 26.11 -19.70 5.63
CA GLU A 657 27.26 -18.81 5.51
C GLU A 657 28.09 -19.19 4.30
N GLU A 658 28.62 -18.19 3.61
CA GLU A 658 29.43 -18.41 2.41
C GLU A 658 30.88 -18.06 2.73
N ALA A 659 31.77 -19.03 2.59
CA ALA A 659 33.18 -18.80 2.78
C ALA A 659 33.78 -18.16 1.54
N ARG A 660 34.65 -17.18 1.75
CA ARG A 660 35.26 -16.46 0.65
C ARG A 660 36.73 -16.22 0.98
N VAL A 661 37.62 -16.96 0.33
CA VAL A 661 39.05 -16.78 0.52
C VAL A 661 39.51 -15.55 -0.24
N ASP A 662 40.21 -14.67 0.46
CA ASP A 662 40.71 -13.45 -0.16
C ASP A 662 42.05 -13.74 -0.82
N LEU A 663 42.09 -13.59 -2.13
CA LEU A 663 43.32 -13.76 -2.90
C LEU A 663 44.15 -12.50 -2.94
N LEU A 664 43.71 -11.44 -2.27
CA LEU A 664 44.45 -10.19 -2.33
C LEU A 664 45.85 -10.34 -1.76
N ARG A 665 45.98 -11.04 -0.63
CA ARG A 665 47.29 -11.20 -0.04
C ARG A 665 47.77 -12.65 -0.04
N PHE A 666 47.07 -13.56 0.64
CA PHE A 666 47.34 -14.98 0.69
C PHE A 666 48.83 -15.32 0.62
N ASP A 667 49.64 -14.64 1.43
CA ASP A 667 51.08 -14.77 1.30
C ASP A 667 51.55 -16.17 1.65
N LEU A 668 52.47 -16.69 0.84
CA LEU A 668 53.00 -18.03 1.06
C LEU A 668 53.97 -18.11 2.23
N GLU A 669 54.62 -16.99 2.56
CA GLU A 669 55.59 -16.98 3.65
C GLU A 669 54.90 -16.91 5.01
N ASN A 670 53.94 -16.01 5.16
CA ASN A 670 53.22 -15.91 6.42
C ASN A 670 52.48 -17.20 6.71
N LYS A 671 52.61 -17.70 7.93
CA LYS A 671 52.05 -18.99 8.31
C LYS A 671 51.55 -18.91 9.75
N GLY A 672 50.71 -19.86 10.10
CA GLY A 672 50.21 -19.99 11.45
C GLY A 672 49.96 -21.44 11.78
N LYS A 673 49.04 -21.69 12.71
CA LYS A 673 48.67 -23.06 13.03
C LYS A 673 48.02 -23.74 11.85
N GLU A 674 47.14 -23.03 11.14
CA GLU A 674 46.42 -23.61 10.01
C GLU A 674 47.19 -23.46 8.70
N MET A 675 47.90 -22.35 8.51
CA MET A 675 48.60 -22.11 7.25
C MET A 675 49.82 -23.01 7.09
N LYS A 676 50.49 -23.36 8.19
CA LYS A 676 51.65 -24.24 8.11
C LYS A 676 51.27 -25.61 7.57
N ASP A 677 50.17 -26.18 8.04
CA ASP A 677 49.74 -27.49 7.56
C ASP A 677 49.30 -27.43 6.11
N LEU A 678 48.82 -26.28 5.65
CA LEU A 678 48.41 -26.14 4.25
C LEU A 678 49.63 -26.18 3.33
N ARG A 679 50.69 -25.48 3.68
CA ARG A 679 51.89 -25.53 2.86
C ARG A 679 52.60 -26.87 3.01
N TYR A 680 52.45 -27.52 4.16
CA TYR A 680 52.93 -28.90 4.29
C TYR A 680 52.17 -29.83 3.36
N THR A 681 50.85 -29.64 3.23
CA THR A 681 50.06 -30.40 2.26
C THR A 681 50.55 -30.14 0.85
N TRP A 682 50.84 -28.88 0.53
CA TRP A 682 51.33 -28.54 -0.81
C TRP A 682 52.65 -29.24 -1.09
N ASN A 683 53.57 -29.21 -0.13
CA ASN A 683 54.86 -29.84 -0.32
C ASN A 683 54.74 -31.35 -0.46
N ARG A 684 53.89 -31.96 0.38
CA ARG A 684 53.69 -33.41 0.28
C ARG A 684 53.08 -33.80 -1.05
N GLY A 685 52.11 -33.02 -1.54
CA GLY A 685 51.52 -33.31 -2.84
C GLY A 685 52.52 -33.14 -3.97
N GLN A 686 53.34 -32.09 -3.92
CA GLN A 686 54.33 -31.89 -4.95
C GLN A 686 55.36 -33.01 -4.94
N ARG A 687 55.78 -33.46 -3.75
CA ARG A 687 56.73 -34.56 -3.68
C ARG A 687 56.11 -35.87 -4.15
N ASP A 688 54.83 -36.08 -3.86
CA ASP A 688 54.19 -37.34 -4.23
C ASP A 688 54.04 -37.45 -5.75
N GLY A 689 53.84 -36.33 -6.44
CA GLY A 689 53.64 -36.38 -7.87
C GLY A 689 52.19 -36.22 -8.26
N LEU A 690 51.50 -35.30 -7.59
CA LEU A 690 50.07 -35.04 -7.82
C LEU A 690 49.84 -33.84 -8.72
N ALA A 691 50.70 -33.64 -9.72
CA ALA A 691 50.67 -32.43 -10.54
C ALA A 691 49.29 -32.18 -11.13
N LEU A 692 48.83 -30.94 -11.03
CA LEU A 692 47.51 -30.52 -11.46
C LEU A 692 47.59 -29.80 -12.79
N GLU A 693 46.67 -30.10 -13.69
CA GLU A 693 46.66 -29.57 -15.04
C GLU A 693 45.35 -28.86 -15.32
N PHE A 694 45.44 -27.73 -16.01
CA PHE A 694 44.28 -26.95 -16.42
C PHE A 694 43.97 -27.21 -17.90
N HIS A 695 42.70 -27.12 -18.24
CA HIS A 695 42.26 -27.36 -19.61
C HIS A 695 41.26 -26.30 -20.03
N GLU A 696 41.26 -26.00 -21.33
CA GLU A 696 40.32 -25.04 -21.88
C GLU A 696 38.94 -25.66 -21.98
N PRO A 697 37.89 -24.84 -22.07
CA PRO A 697 36.54 -25.36 -22.11
C PRO A 697 36.31 -26.31 -23.28
N GLY A 698 35.64 -27.43 -23.00
CA GLY A 698 35.30 -28.38 -24.04
C GLY A 698 36.46 -29.09 -24.67
N GLN A 699 37.62 -29.11 -24.00
CA GLN A 699 38.83 -29.72 -24.54
C GLN A 699 39.43 -30.74 -23.59
N ALA A 700 38.66 -31.25 -22.65
CA ALA A 700 39.21 -32.22 -21.73
C ALA A 700 38.68 -33.62 -22.03
N PRO A 701 39.43 -34.66 -21.69
CA PRO A 701 38.91 -36.02 -21.85
C PRO A 701 37.65 -36.22 -21.03
N LEU A 702 36.72 -36.98 -21.58
CA LEU A 702 35.40 -37.12 -20.98
C LEU A 702 35.14 -38.50 -20.40
N ASP A 703 35.63 -39.56 -21.04
CA ASP A 703 35.37 -40.90 -20.52
C ASP A 703 35.98 -41.08 -19.13
N GLU A 704 37.22 -40.63 -18.95
CA GLU A 704 37.85 -40.70 -17.63
C GLU A 704 37.11 -39.82 -16.63
N LEU A 705 36.61 -38.68 -17.08
CA LEU A 705 35.87 -37.80 -16.19
C LEU A 705 34.59 -38.44 -15.71
N LYS A 706 33.84 -39.08 -16.61
CA LYS A 706 32.61 -39.73 -16.18
C LYS A 706 32.91 -40.98 -15.35
N ALA A 707 34.03 -41.65 -15.61
CA ALA A 707 34.45 -42.74 -14.73
C ALA A 707 34.73 -42.23 -13.33
N ILE A 708 35.40 -41.08 -13.22
CA ILE A 708 35.68 -40.48 -11.91
C ILE A 708 34.37 -40.11 -11.22
N SER A 709 33.43 -39.53 -11.97
CA SER A 709 32.15 -39.16 -11.38
C SER A 709 31.39 -40.39 -10.89
N ASP A 710 31.39 -41.46 -11.68
CA ASP A 710 30.71 -42.69 -11.27
C ASP A 710 31.36 -43.27 -10.02
N ALA A 711 32.69 -43.24 -9.96
CA ALA A 711 33.38 -43.71 -8.76
C ALA A 711 33.01 -42.85 -7.56
N TRP A 712 32.89 -41.53 -7.76
CA TRP A 712 32.55 -40.64 -6.67
C TRP A 712 31.14 -40.92 -6.15
N LEU A 713 30.20 -41.16 -7.06
CA LEU A 713 28.84 -41.46 -6.62
C LEU A 713 28.67 -42.90 -6.18
N GLY A 714 29.66 -43.75 -6.43
CA GLY A 714 29.58 -45.15 -6.02
C GLY A 714 30.40 -45.44 -4.78
N GLU A 720 20.31 -38.57 -10.02
CA GLU A 720 21.19 -37.40 -10.09
C GLU A 720 20.72 -36.31 -9.15
N LYS A 721 21.28 -35.11 -9.31
CA LYS A 721 20.93 -33.96 -8.49
C LYS A 721 21.11 -32.70 -9.32
N GLY A 722 20.44 -31.63 -8.90
CA GLY A 722 20.50 -30.39 -9.64
C GLY A 722 20.03 -29.22 -8.82
N PHE A 723 20.02 -28.05 -9.47
CA PHE A 723 19.53 -26.79 -8.92
C PHE A 723 20.49 -26.24 -7.86
N SER A 724 21.48 -27.00 -7.49
CA SER A 724 22.50 -26.52 -6.57
C SER A 724 23.91 -26.77 -7.09
N LEU A 725 24.14 -27.88 -7.77
CA LEU A 725 25.46 -28.23 -8.27
C LEU A 725 25.50 -28.42 -9.77
N GLY A 726 24.52 -29.12 -10.33
CA GLY A 726 24.50 -29.43 -11.74
C GLY A 726 24.60 -30.92 -11.97
N ARG A 727 24.76 -31.29 -13.23
CA ARG A 727 24.88 -32.68 -13.64
C ARG A 727 26.12 -32.85 -14.50
N PHE A 728 26.37 -34.09 -14.92
CA PHE A 728 27.50 -34.41 -15.77
C PHE A 728 27.02 -34.50 -17.22
N THR A 729 27.04 -33.36 -17.90
CA THR A 729 26.66 -33.26 -19.29
C THR A 729 27.84 -32.72 -20.10
N PRO A 730 28.18 -33.36 -21.22
CA PRO A 730 29.35 -32.91 -21.99
C PRO A 730 29.25 -31.46 -22.40
N ALA A 731 28.06 -30.99 -22.78
CA ALA A 731 27.94 -29.57 -23.13
C ALA A 731 28.05 -28.69 -21.91
N TYR A 732 27.42 -29.10 -20.80
CA TYR A 732 27.46 -28.30 -19.58
C TYR A 732 28.88 -28.12 -19.09
N LEU A 733 29.64 -29.20 -19.02
CA LEU A 733 31.05 -29.10 -18.66
C LEU A 733 31.87 -28.46 -19.75
N ASN A 734 31.40 -28.53 -20.99
CA ASN A 734 32.10 -27.88 -22.09
C ASN A 734 32.04 -26.38 -21.95
N PHE A 735 30.97 -25.86 -21.35
CA PHE A 735 30.81 -24.41 -21.23
C PHE A 735 31.96 -23.79 -20.44
N PHE A 736 32.38 -24.43 -19.35
CA PHE A 736 33.43 -23.90 -18.48
C PHE A 736 34.76 -24.62 -18.69
N ARG A 737 35.80 -24.07 -18.07
CA ARG A 737 37.10 -24.70 -18.04
C ARG A 737 37.11 -25.84 -17.03
N ILE A 738 37.89 -26.87 -17.33
CA ILE A 738 37.97 -28.05 -16.49
C ILE A 738 39.42 -28.24 -16.05
N ALA A 739 39.62 -28.43 -14.75
CA ALA A 739 40.93 -28.72 -14.19
C ALA A 739 40.95 -30.14 -13.68
N ILE A 740 42.02 -30.86 -14.02
CA ILE A 740 42.17 -32.26 -13.65
C ILE A 740 43.51 -32.43 -12.94
N VAL A 741 43.50 -33.17 -11.83
CA VAL A 741 44.71 -33.51 -11.10
C VAL A 741 45.03 -34.97 -11.36
N ARG A 742 46.31 -35.26 -11.61
CA ARG A 742 46.75 -36.59 -12.02
C ARG A 742 47.58 -37.22 -10.91
N HIS A 743 47.28 -38.47 -10.60
CA HIS A 743 47.99 -39.24 -9.59
C HIS A 743 48.84 -40.28 -10.30
N GLN A 744 50.15 -40.04 -10.35
CA GLN A 744 51.08 -40.92 -11.08
C GLN A 744 50.66 -41.10 -12.52
N GLY A 745 50.16 -40.01 -13.13
CA GLY A 745 49.79 -40.00 -14.52
C GLY A 745 48.36 -40.33 -14.82
N LYS A 746 47.61 -40.84 -13.85
CA LYS A 746 46.25 -41.13 -14.24
C LYS A 746 45.31 -40.04 -13.72
N PRO A 747 44.23 -39.75 -14.44
CA PRO A 747 43.26 -38.77 -13.93
C PRO A 747 42.48 -39.36 -12.78
N VAL A 748 42.47 -38.64 -11.66
CA VAL A 748 41.90 -39.17 -10.43
C VAL A 748 40.83 -38.24 -9.88
N ALA A 749 40.91 -36.95 -10.20
CA ALA A 749 39.96 -36.01 -9.64
C ALA A 749 39.89 -34.78 -10.54
N PHE A 750 38.75 -34.09 -10.48
CA PHE A 750 38.55 -32.88 -11.27
C PHE A 750 37.49 -32.03 -10.60
N ALA A 751 37.47 -30.75 -10.96
CA ALA A 751 36.47 -29.82 -10.47
C ALA A 751 36.21 -28.77 -11.55
N ASN A 752 34.99 -28.26 -11.56
CA ASN A 752 34.57 -27.27 -12.55
C ASN A 752 34.95 -25.88 -12.09
N LEU A 753 35.36 -25.04 -13.03
CA LEU A 753 35.85 -23.70 -12.74
C LEU A 753 34.89 -22.66 -13.30
N LEU A 754 34.56 -21.66 -12.49
CA LEU A 754 33.69 -20.57 -12.89
C LEU A 754 34.51 -19.30 -12.93
N GLU A 755 34.43 -18.59 -14.06
CA GLU A 755 35.18 -17.36 -14.27
C GLU A 755 34.29 -16.33 -14.95
N THR A 756 34.77 -15.09 -14.96
CA THR A 756 34.09 -13.98 -15.60
C THR A 756 35.12 -13.13 -16.33
N ASP A 757 34.63 -12.37 -17.32
CA ASP A 757 35.51 -11.48 -18.05
C ASP A 757 36.07 -10.38 -17.15
N SER A 758 35.30 -9.96 -16.14
CA SER A 758 35.77 -8.93 -15.23
C SER A 758 36.96 -9.39 -14.41
N ARG A 759 37.11 -10.70 -14.23
CA ARG A 759 38.22 -11.27 -13.45
C ARG A 759 38.26 -10.70 -12.03
N GLU A 760 37.08 -10.56 -11.42
CA GLU A 760 36.96 -10.06 -10.07
C GLU A 760 36.74 -11.16 -9.04
N LEU A 761 35.93 -12.15 -9.37
CA LEU A 761 35.64 -13.25 -8.46
C LEU A 761 35.71 -14.57 -9.20
N ALA A 762 36.07 -15.63 -8.49
CA ALA A 762 36.09 -16.98 -9.03
C ALA A 762 35.41 -17.91 -8.04
N SER A 763 34.68 -18.90 -8.55
CA SER A 763 33.95 -19.82 -7.71
C SER A 763 34.04 -21.22 -8.30
N LEU A 764 33.81 -22.22 -7.45
CA LEU A 764 33.90 -23.61 -7.85
C LEU A 764 32.51 -24.20 -8.00
N ASP A 765 32.25 -24.85 -9.13
CA ASP A 765 30.90 -25.33 -9.42
C ASP A 765 30.61 -26.67 -8.75
N LEU A 766 31.35 -27.71 -9.14
CA LEU A 766 31.13 -29.01 -8.53
C LEU A 766 32.46 -29.72 -8.42
N MET A 767 32.51 -30.67 -7.48
CA MET A 767 33.76 -31.29 -7.05
C MET A 767 33.60 -32.80 -7.09
N ARG A 768 34.66 -33.49 -7.52
CA ARG A 768 34.62 -34.94 -7.59
C ARG A 768 36.03 -35.47 -7.45
N VAL A 769 36.18 -36.47 -6.59
CA VAL A 769 37.46 -37.11 -6.34
C VAL A 769 37.24 -38.62 -6.31
N HIS A 770 38.15 -39.36 -6.93
CA HIS A 770 38.03 -40.80 -6.94
C HIS A 770 38.31 -41.35 -5.54
N PRO A 771 37.54 -42.33 -5.08
CA PRO A 771 37.72 -42.84 -3.71
C PRO A 771 39.11 -43.38 -3.43
N ASP A 772 39.76 -43.99 -4.43
CA ASP A 772 41.10 -44.53 -4.24
C ASP A 772 42.16 -43.46 -4.00
N ALA A 773 41.84 -42.19 -4.26
CA ALA A 773 42.79 -41.12 -4.01
C ALA A 773 43.00 -40.92 -2.51
N PRO A 774 44.17 -40.45 -2.12
CA PRO A 774 44.40 -40.13 -0.70
C PRO A 774 43.64 -38.87 -0.29
N LYS A 775 43.50 -38.71 1.02
CA LYS A 775 42.91 -37.49 1.55
C LYS A 775 43.68 -36.24 1.15
N LEU A 776 44.96 -36.40 0.83
CA LEU A 776 45.80 -35.28 0.40
C LEU A 776 45.33 -34.65 -0.90
N THR A 777 44.51 -35.37 -1.68
CA THR A 777 44.15 -34.90 -3.01
C THR A 777 43.23 -33.69 -2.97
N MET A 778 42.19 -33.73 -2.13
CA MET A 778 41.18 -32.68 -2.15
C MET A 778 41.77 -31.34 -1.71
N GLU A 779 42.53 -31.34 -0.62
CA GLU A 779 43.16 -30.11 -0.15
C GLU A 779 44.15 -29.58 -1.17
N PHE A 780 44.92 -30.47 -1.79
CA PHE A 780 45.88 -30.04 -2.79
C PHE A 780 45.18 -29.43 -3.98
N LEU A 781 44.06 -30.00 -4.41
CA LEU A 781 43.29 -29.41 -5.51
C LEU A 781 42.79 -28.02 -5.13
N MET A 782 42.25 -27.89 -3.92
CA MET A 782 41.76 -26.61 -3.44
C MET A 782 42.86 -25.56 -3.52
N LEU A 783 44.02 -25.88 -2.94
CA LEU A 783 45.09 -24.90 -2.86
C LEU A 783 45.71 -24.62 -4.22
N GLY A 784 45.77 -25.63 -5.10
CA GLY A 784 46.27 -25.37 -6.44
C GLY A 784 45.38 -24.43 -7.21
N LEU A 785 44.06 -24.63 -7.12
CA LEU A 785 43.14 -23.70 -7.75
C LEU A 785 43.28 -22.30 -7.15
N ILE A 786 43.41 -22.22 -5.83
CA ILE A 786 43.57 -20.92 -5.17
C ILE A 786 44.83 -20.22 -5.66
N LEU A 787 45.93 -20.95 -5.73
CA LEU A 787 47.19 -20.37 -6.17
C LEU A 787 47.12 -19.91 -7.63
N HIS A 788 46.51 -20.73 -8.50
CA HIS A 788 46.41 -20.33 -9.88
C HIS A 788 45.55 -19.09 -10.04
N TYR A 789 44.43 -19.02 -9.30
CA TYR A 789 43.58 -17.85 -9.41
C TYR A 789 44.26 -16.61 -8.86
N LYS A 790 45.05 -16.76 -7.80
CA LYS A 790 45.84 -15.63 -7.31
C LYS A 790 46.86 -15.18 -8.34
N ALA A 791 47.54 -16.13 -8.98
CA ALA A 791 48.55 -15.77 -9.96
C ALA A 791 47.92 -15.07 -11.17
N GLN A 792 46.74 -15.53 -11.59
CA GLN A 792 46.08 -14.92 -12.72
C GLN A 792 45.65 -13.49 -12.44
N GLY A 793 45.56 -13.09 -11.17
CA GLY A 793 45.21 -11.74 -10.82
C GLY A 793 43.83 -11.53 -10.22
N HIS A 794 43.10 -12.61 -9.95
CA HIS A 794 41.77 -12.47 -9.38
C HIS A 794 41.87 -12.03 -7.93
N ALA A 795 41.02 -11.06 -7.56
CA ALA A 795 41.08 -10.50 -6.20
C ALA A 795 40.45 -11.40 -5.16
N ARG A 796 39.40 -12.14 -5.51
CA ARG A 796 38.66 -12.93 -4.54
C ARG A 796 38.39 -14.32 -5.09
N PHE A 797 38.18 -15.27 -4.18
CA PHE A 797 37.83 -16.63 -4.55
C PHE A 797 36.75 -17.09 -3.60
N SER A 798 35.88 -17.99 -4.08
CA SER A 798 34.75 -18.47 -3.32
C SER A 798 34.88 -19.94 -3.02
N LEU A 799 34.74 -20.31 -1.77
CA LEU A 799 34.80 -21.71 -1.36
C LEU A 799 33.41 -22.34 -1.27
N GLY A 800 32.37 -21.59 -1.56
CA GLY A 800 31.02 -22.13 -1.47
C GLY A 800 30.28 -21.65 -0.25
N MET A 801 29.10 -22.23 -0.07
CA MET A 801 28.21 -21.88 1.03
C MET A 801 28.07 -23.08 1.95
N VAL A 802 28.15 -22.83 3.26
CA VAL A 802 28.01 -23.89 4.26
C VAL A 802 26.71 -23.68 5.01
N PRO A 803 25.93 -24.73 5.25
CA PRO A 803 24.65 -24.56 5.95
C PRO A 803 24.84 -24.15 7.39
N LEU A 804 23.86 -23.45 7.91
CA LEU A 804 23.87 -22.99 9.30
C LEU A 804 23.23 -24.04 10.18
N ALA A 805 23.95 -24.47 11.21
CA ALA A 805 23.48 -25.48 12.16
C ALA A 805 23.05 -26.76 11.45
N GLY A 835 28.61 -30.53 12.06
CA GLY A 835 29.84 -31.30 11.92
C GLY A 835 30.68 -30.86 10.75
N LEU A 836 30.18 -29.87 10.01
CA LEU A 836 30.85 -29.36 8.83
C LEU A 836 31.57 -28.06 9.17
N ARG A 837 32.10 -27.40 8.13
CA ARG A 837 32.80 -26.11 8.17
C ARG A 837 34.19 -26.21 8.74
N ARG A 838 34.59 -27.38 9.22
CA ARG A 838 35.96 -27.54 9.70
C ARG A 838 36.94 -27.51 8.55
N PHE A 839 36.59 -28.13 7.42
CA PHE A 839 37.48 -28.15 6.27
C PHE A 839 37.54 -26.79 5.58
N LYS A 840 36.39 -26.12 5.49
CA LYS A 840 36.34 -24.84 4.80
C LYS A 840 37.15 -23.77 5.55
N ASP A 841 37.09 -23.77 6.87
CA ASP A 841 37.78 -22.76 7.66
C ASP A 841 39.29 -22.93 7.65
N LYS A 842 39.79 -24.06 7.13
CA LYS A 842 41.24 -24.26 7.08
C LYS A 842 41.93 -23.21 6.23
N PHE A 843 41.27 -22.70 5.20
CA PHE A 843 41.86 -21.74 4.28
C PHE A 843 41.69 -20.31 4.75
N GLN A 844 41.34 -20.10 6.02
CA GLN A 844 41.06 -18.81 6.68
C GLN A 844 40.37 -17.82 5.74
N PRO A 845 39.13 -18.10 5.34
CA PRO A 845 38.42 -17.20 4.43
C PRO A 845 37.59 -16.16 5.17
N ASP A 846 37.06 -15.22 4.41
CA ASP A 846 36.09 -14.25 4.91
C ASP A 846 34.68 -14.78 4.73
N TRP A 847 33.87 -14.66 5.77
CA TRP A 847 32.56 -15.29 5.80
C TRP A 847 31.46 -14.24 5.74
N GLU A 848 30.52 -14.40 4.82
CA GLU A 848 29.40 -13.50 4.65
C GLU A 848 28.09 -14.29 4.76
N PRO A 849 27.05 -13.65 5.29
CA PRO A 849 25.77 -14.34 5.43
C PRO A 849 25.08 -14.56 4.09
N ARG A 850 24.25 -15.59 4.03
CA ARG A 850 23.43 -15.88 2.86
C ARG A 850 22.00 -16.09 3.33
N TYR A 851 21.06 -15.40 2.69
CA TYR A 851 19.69 -15.34 3.16
C TYR A 851 18.75 -16.04 2.19
N LEU A 852 17.68 -16.60 2.74
CA LEU A 852 16.58 -17.18 1.98
C LEU A 852 15.34 -16.35 2.23
N ALA A 853 14.72 -15.84 1.17
CA ALA A 853 13.59 -14.93 1.27
C ALA A 853 12.29 -15.69 1.15
N VAL A 854 11.33 -15.33 2.00
CA VAL A 854 10.00 -15.94 1.98
C VAL A 854 8.96 -14.82 1.95
N PRO A 855 7.78 -15.06 1.38
CA PRO A 855 6.83 -13.96 1.19
C PRO A 855 5.93 -13.71 2.39
N ALA A 856 5.78 -12.43 2.71
CA ALA A 856 4.85 -11.95 3.75
C ALA A 856 5.08 -12.63 5.09
N GLY A 857 6.31 -13.11 5.31
CA GLY A 857 6.58 -13.81 6.56
C GLY A 857 5.77 -15.06 6.72
N LEU A 858 5.60 -15.83 5.65
CA LEU A 858 4.83 -17.07 5.75
C LEU A 858 5.69 -18.15 6.42
N ASP A 859 5.17 -19.37 6.46
CA ASP A 859 5.88 -20.45 7.14
C ASP A 859 7.13 -20.84 6.34
N PRO A 860 8.33 -20.73 6.91
CA PRO A 860 9.52 -21.14 6.16
C PRO A 860 9.69 -22.65 6.07
N LEU A 861 8.97 -23.41 6.89
CA LEU A 861 9.11 -24.86 6.87
C LEU A 861 8.70 -25.44 5.52
N VAL A 862 7.58 -24.97 4.99
CA VAL A 862 7.10 -25.45 3.70
C VAL A 862 8.09 -25.08 2.60
N ALA A 863 8.61 -23.85 2.65
CA ALA A 863 9.57 -23.44 1.62
C ALA A 863 10.83 -24.27 1.67
N LEU A 864 11.38 -24.51 2.86
CA LEU A 864 12.60 -25.29 2.96
C LEU A 864 12.37 -26.74 2.57
N ALA A 865 11.21 -27.29 2.92
CA ALA A 865 10.88 -28.65 2.50
C ALA A 865 10.78 -28.74 0.99
N ASP A 866 10.15 -27.74 0.36
CA ASP A 866 10.04 -27.74 -1.10
C ASP A 866 11.40 -27.62 -1.76
N THR A 867 12.26 -26.75 -1.23
CA THR A 867 13.61 -26.63 -1.80
C THR A 867 14.39 -27.92 -1.66
N ALA A 868 14.29 -28.58 -0.51
CA ALA A 868 14.98 -29.84 -0.30
C ALA A 868 14.45 -30.91 -1.24
N ALA A 869 13.14 -30.96 -1.44
CA ALA A 869 12.56 -31.93 -2.36
C ALA A 869 13.02 -31.67 -3.78
N LEU A 870 13.06 -30.39 -4.19
CA LEU A 870 13.48 -30.06 -5.55
C LEU A 870 14.97 -30.24 -5.74
N ILE A 871 15.76 -30.21 -4.66
CA ILE A 871 17.20 -30.33 -4.82
C ILE A 871 17.59 -31.71 -5.32
N ALA A 872 16.72 -32.70 -5.15
CA ALA A 872 16.98 -34.05 -5.62
C ALA A 872 15.96 -34.46 -6.68
N GLY B 5 -27.25 27.03 -33.78
CA GLY B 5 -28.14 27.93 -34.49
C GLY B 5 -29.07 28.68 -33.57
N VAL B 6 -28.58 29.05 -32.40
CA VAL B 6 -29.34 29.79 -31.41
C VAL B 6 -28.87 31.24 -31.40
N GLN B 7 -29.82 32.17 -31.32
CA GLN B 7 -29.52 33.59 -31.36
C GLN B 7 -30.25 34.30 -30.23
N LEU B 8 -29.68 35.41 -29.79
CA LEU B 8 -30.30 36.29 -28.81
C LEU B 8 -30.35 37.71 -29.36
N VAL B 9 -31.53 38.31 -29.35
CA VAL B 9 -31.75 39.64 -29.89
C VAL B 9 -32.36 40.51 -28.81
N GLU B 10 -31.78 41.69 -28.61
CA GLU B 10 -32.21 42.63 -27.58
C GLU B 10 -32.92 43.81 -28.21
N SER B 11 -33.74 44.48 -27.41
CA SER B 11 -34.33 45.77 -27.82
C SER B 11 -34.73 46.53 -26.56
N GLY B 12 -33.90 47.48 -26.17
CA GLY B 12 -34.22 48.30 -25.02
C GLY B 12 -34.41 49.78 -25.32
N GLY B 13 -33.63 50.29 -26.27
CA GLY B 13 -33.80 51.65 -26.75
C GLY B 13 -33.79 52.73 -25.69
N GLY B 14 -32.85 52.65 -24.74
CA GLY B 14 -32.81 53.60 -23.64
C GLY B 14 -31.71 54.64 -23.80
N LEU B 15 -32.10 55.90 -23.64
CA LEU B 15 -31.15 57.00 -23.71
C LEU B 15 -31.07 57.78 -22.40
N VAL B 16 -32.20 58.23 -21.88
CA VAL B 16 -32.24 59.01 -20.64
C VAL B 16 -33.46 58.57 -19.83
N GLN B 17 -33.27 58.45 -18.52
CA GLN B 17 -34.37 58.11 -17.63
C GLN B 17 -34.61 59.18 -16.57
N ALA B 18 -33.57 59.61 -15.86
CA ALA B 18 -33.68 60.62 -14.82
C ALA B 18 -34.73 60.23 -13.80
N GLY B 19 -34.69 58.96 -13.38
CA GLY B 19 -35.66 58.48 -12.42
C GLY B 19 -36.97 58.04 -13.03
N GLY B 20 -36.95 57.55 -14.26
CA GLY B 20 -38.16 57.09 -14.90
C GLY B 20 -38.26 55.58 -14.98
N SER B 21 -38.65 55.05 -16.13
CA SER B 21 -38.79 53.61 -16.31
C SER B 21 -38.61 53.27 -17.77
N LEU B 22 -38.06 52.09 -18.02
CA LEU B 22 -37.83 51.61 -19.38
C LEU B 22 -37.91 50.09 -19.34
N ARG B 23 -38.09 49.48 -20.51
CA ARG B 23 -38.23 48.05 -20.62
C ARG B 23 -37.25 47.50 -21.64
N LEU B 24 -36.73 46.31 -21.37
CA LEU B 24 -35.83 45.61 -22.26
C LEU B 24 -36.40 44.24 -22.59
N SER B 25 -36.24 43.84 -23.85
CA SER B 25 -36.71 42.55 -24.33
C SER B 25 -35.54 41.80 -24.96
N CYS B 26 -35.47 40.50 -24.70
CA CYS B 26 -34.40 39.63 -25.19
C CYS B 26 -35.01 38.50 -25.99
N ALA B 27 -35.02 38.64 -27.32
CA ALA B 27 -35.59 37.63 -28.18
C ALA B 27 -34.75 36.36 -28.16
N ALA B 28 -35.41 35.22 -28.27
CA ALA B 28 -34.76 33.92 -28.25
C ALA B 28 -35.40 33.00 -29.27
N SER B 29 -34.58 32.21 -29.95
CA SER B 29 -35.06 31.32 -31.00
C SER B 29 -34.83 29.84 -30.69
N GLY B 30 -33.60 29.47 -30.34
CA GLY B 30 -33.27 28.06 -30.24
C GLY B 30 -34.00 27.32 -29.13
N PHE B 31 -34.08 27.92 -27.99
CA PHE B 31 -34.61 27.22 -26.83
C PHE B 31 -36.04 27.66 -26.54
N PRO B 32 -36.85 26.79 -25.92
CA PRO B 32 -38.25 27.15 -25.69
C PRO B 32 -38.47 28.24 -24.64
N VAL B 33 -37.43 28.66 -23.93
CA VAL B 33 -37.53 29.67 -22.90
C VAL B 33 -38.59 29.25 -21.89
N SER B 34 -38.61 27.99 -21.56
CA SER B 34 -39.54 27.48 -20.57
C SER B 34 -38.82 26.71 -19.49
N SER B 35 -37.80 25.94 -19.86
CA SER B 35 -36.95 25.20 -18.94
C SER B 35 -35.51 25.55 -19.21
N ALA B 36 -35.24 26.84 -19.45
CA ALA B 36 -33.92 27.33 -19.83
C ALA B 36 -33.50 28.42 -18.85
N TRP B 37 -32.51 28.10 -18.02
CA TRP B 37 -31.94 29.10 -17.12
C TRP B 37 -31.35 30.24 -17.92
N MET B 38 -31.73 31.46 -17.56
CA MET B 38 -31.28 32.61 -18.33
C MET B 38 -31.37 33.84 -17.44
N ALA B 39 -30.56 34.84 -17.76
CA ALA B 39 -30.40 35.98 -16.87
C ALA B 39 -29.95 37.19 -17.67
N TRP B 40 -29.65 38.26 -16.95
CA TRP B 40 -29.12 39.49 -17.51
C TRP B 40 -27.86 39.89 -16.76
N TYR B 41 -26.95 40.58 -17.45
CA TYR B 41 -25.71 41.03 -16.84
C TYR B 41 -25.50 42.52 -17.05
N ARG B 42 -24.34 43.03 -16.64
CA ARG B 42 -24.05 44.45 -16.78
C ARG B 42 -22.56 44.63 -17.03
N GLN B 43 -22.23 45.60 -17.90
CA GLN B 43 -20.83 45.93 -18.22
C GLN B 43 -20.68 47.45 -18.14
N ALA B 44 -20.31 47.94 -16.98
CA ALA B 44 -20.11 49.37 -16.82
C ALA B 44 -18.89 49.82 -17.63
N PRO B 45 -18.92 51.04 -18.17
CA PRO B 45 -17.79 51.52 -18.97
C PRO B 45 -16.52 51.67 -18.14
N GLY B 46 -15.52 50.86 -18.44
CA GLY B 46 -14.27 50.86 -17.71
C GLY B 46 -14.26 50.04 -16.44
N LYS B 47 -15.36 49.38 -16.11
CA LYS B 47 -15.47 48.58 -14.90
C LYS B 47 -15.57 47.11 -15.25
N GLU B 48 -15.70 46.28 -14.23
CA GLU B 48 -15.79 44.84 -14.40
C GLU B 48 -17.21 44.46 -14.78
N ARG B 49 -17.50 43.15 -14.76
CA ARG B 49 -18.79 42.62 -15.16
C ARG B 49 -19.60 42.25 -13.93
N GLU B 50 -20.86 42.67 -13.92
CA GLU B 50 -21.80 42.36 -12.85
C GLU B 50 -23.09 41.85 -13.46
N TRP B 51 -23.93 41.26 -12.61
CA TRP B 51 -25.23 40.77 -13.04
C TRP B 51 -26.33 41.59 -12.38
N VAL B 52 -27.54 41.42 -12.91
CA VAL B 52 -28.69 42.18 -12.44
C VAL B 52 -29.77 41.24 -11.90
N ALA B 53 -30.23 40.31 -12.74
CA ALA B 53 -31.31 39.44 -12.33
C ALA B 53 -31.24 38.13 -13.10
N ALA B 54 -32.10 37.20 -12.73
CA ALA B 54 -32.10 35.88 -13.34
C ALA B 54 -33.49 35.27 -13.23
N ILE B 55 -33.79 34.35 -14.15
CA ILE B 55 -34.99 33.53 -14.11
C ILE B 55 -34.56 32.08 -14.18
N PHE B 56 -34.95 31.30 -13.19
CA PHE B 56 -34.47 29.93 -13.11
C PHE B 56 -35.28 28.98 -13.98
N SER B 57 -36.55 28.82 -13.68
CA SER B 57 -37.34 27.82 -14.39
C SER B 57 -38.81 28.04 -14.10
N ALA B 58 -39.65 27.84 -15.12
CA ALA B 58 -41.10 27.91 -15.02
C ALA B 58 -41.60 29.25 -14.48
N GLY B 59 -40.75 30.27 -14.53
CA GLY B 59 -41.15 31.59 -14.04
C GLY B 59 -41.49 31.60 -12.58
N GLN B 60 -40.79 30.81 -11.78
CA GLN B 60 -41.01 30.75 -10.35
C GLN B 60 -39.85 31.30 -9.53
N LYS B 61 -38.66 30.79 -9.76
CA LYS B 61 -37.48 31.25 -9.04
C LYS B 61 -36.87 32.42 -9.81
N THR B 62 -36.63 33.53 -9.11
CA THR B 62 -36.07 34.72 -9.73
C THR B 62 -35.24 35.48 -8.70
N ARG B 63 -33.92 35.36 -8.80
CA ARG B 63 -33.03 36.02 -7.87
C ARG B 63 -32.47 37.30 -8.49
N TYR B 64 -32.48 38.39 -7.71
CA TYR B 64 -32.02 39.68 -8.16
C TYR B 64 -30.63 39.97 -7.59
N ALA B 65 -30.06 41.10 -8.01
CA ALA B 65 -28.73 41.49 -7.55
C ALA B 65 -28.84 42.18 -6.20
N ASP B 66 -27.70 42.64 -5.69
CA ASP B 66 -27.69 43.26 -4.36
C ASP B 66 -28.31 44.64 -4.38
N SER B 67 -28.06 45.42 -5.43
CA SER B 67 -28.53 46.80 -5.47
C SER B 67 -29.92 46.94 -6.07
N VAL B 68 -30.49 45.88 -6.63
CA VAL B 68 -31.77 45.97 -7.31
C VAL B 68 -32.73 44.92 -6.75
N LYS B 69 -32.59 44.61 -5.47
CA LYS B 69 -33.44 43.59 -4.85
C LYS B 69 -34.93 43.92 -5.01
N GLY B 70 -35.28 45.20 -4.95
CA GLY B 70 -36.67 45.58 -5.11
C GLY B 70 -36.87 46.60 -6.21
N ARG B 71 -35.79 47.15 -6.73
CA ARG B 71 -35.90 48.16 -7.77
C ARG B 71 -36.50 47.59 -9.05
N PHE B 72 -35.94 46.49 -9.55
CA PHE B 72 -36.40 45.89 -10.80
C PHE B 72 -37.33 44.73 -10.54
N THR B 73 -38.11 44.37 -11.56
CA THR B 73 -39.02 43.24 -11.49
C THR B 73 -39.07 42.60 -12.87
N ILE B 74 -38.29 41.55 -13.06
CA ILE B 74 -38.19 40.89 -14.36
C ILE B 74 -39.19 39.74 -14.43
N SER B 75 -39.55 39.36 -15.64
CA SER B 75 -40.54 38.32 -15.85
C SER B 75 -40.27 37.63 -17.18
N ARG B 76 -40.81 36.43 -17.31
CA ARG B 76 -40.65 35.61 -18.50
C ARG B 76 -42.01 35.39 -19.15
N ASP B 77 -42.03 35.43 -20.49
CA ASP B 77 -43.28 35.26 -21.23
C ASP B 77 -43.88 33.87 -21.04
N ASN B 78 -43.08 32.90 -20.59
CA ASN B 78 -43.47 31.52 -20.30
C ASN B 78 -43.68 30.70 -21.56
N ALA B 79 -43.55 31.30 -22.74
CA ALA B 79 -43.63 30.56 -23.99
C ALA B 79 -42.32 30.77 -24.75
N LYS B 80 -42.31 30.37 -26.02
CA LYS B 80 -41.12 30.48 -26.86
C LYS B 80 -40.99 31.91 -27.39
N ASN B 81 -40.98 32.86 -26.45
CA ASN B 81 -40.85 34.26 -26.79
C ASN B 81 -39.78 34.93 -25.95
N THR B 82 -39.70 36.26 -26.05
CA THR B 82 -38.71 37.03 -25.32
C THR B 82 -39.07 37.11 -23.84
N VAL B 83 -38.04 37.34 -23.03
CA VAL B 83 -38.21 37.66 -21.63
C VAL B 83 -38.08 39.16 -21.47
N TYR B 84 -38.59 39.68 -20.36
CA TYR B 84 -38.71 41.11 -20.16
C TYR B 84 -38.02 41.51 -18.87
N LEU B 85 -37.14 42.50 -18.97
CA LEU B 85 -36.53 43.16 -17.82
C LEU B 85 -36.77 44.66 -17.97
N GLN B 86 -37.22 45.30 -16.91
CA GLN B 86 -37.63 46.69 -16.97
C GLN B 86 -36.75 47.57 -16.09
N MET B 87 -36.59 48.82 -16.50
CA MET B 87 -35.87 49.83 -15.75
C MET B 87 -36.79 50.47 -14.71
N ASN B 88 -36.17 51.18 -13.77
CA ASN B 88 -36.88 51.80 -12.65
C ASN B 88 -36.14 53.07 -12.26
N SER B 89 -36.39 53.54 -11.04
CA SER B 89 -35.91 54.84 -10.57
C SER B 89 -34.41 55.02 -10.75
N LEU B 90 -33.97 56.28 -10.73
CA LEU B 90 -32.63 56.69 -11.12
C LEU B 90 -31.51 55.92 -10.44
N LYS B 91 -30.76 55.15 -11.22
CA LYS B 91 -29.52 54.51 -10.76
C LYS B 91 -28.38 55.03 -11.61
N PRO B 92 -27.58 55.98 -11.11
CA PRO B 92 -26.47 56.48 -11.93
C PRO B 92 -25.49 55.40 -12.32
N GLU B 93 -25.30 54.38 -11.48
CA GLU B 93 -24.41 53.28 -11.82
C GLU B 93 -24.97 52.40 -12.91
N ASP B 94 -26.23 52.57 -13.30
CA ASP B 94 -26.85 51.76 -14.33
C ASP B 94 -26.52 52.23 -15.73
N THR B 95 -25.73 53.29 -15.88
CA THR B 95 -25.33 53.81 -17.18
C THR B 95 -24.30 52.87 -17.81
N ALA B 96 -24.79 51.74 -18.32
CA ALA B 96 -23.93 50.70 -18.85
C ALA B 96 -24.69 49.95 -19.95
N VAL B 97 -24.03 48.96 -20.51
CA VAL B 97 -24.63 48.07 -21.50
C VAL B 97 -25.16 46.83 -20.76
N TYR B 98 -26.24 46.27 -21.27
CA TYR B 98 -26.93 45.16 -20.63
C TYR B 98 -26.96 43.97 -21.58
N TYR B 99 -26.29 42.89 -21.20
CA TYR B 99 -26.26 41.69 -22.01
C TYR B 99 -27.38 40.73 -21.58
N CYS B 100 -27.70 39.81 -22.48
CA CYS B 100 -28.66 38.74 -22.23
C CYS B 100 -27.90 37.42 -22.26
N ASN B 101 -27.82 36.76 -21.10
CA ASN B 101 -27.01 35.56 -20.93
C ASN B 101 -27.92 34.35 -20.78
N VAL B 102 -27.60 33.28 -21.50
CA VAL B 102 -28.29 32.01 -21.36
C VAL B 102 -27.24 30.95 -21.11
N LYS B 103 -27.36 30.24 -19.99
CA LYS B 103 -26.38 29.24 -19.61
C LYS B 103 -26.92 27.83 -19.61
N ASP B 104 -28.23 27.65 -19.58
CA ASP B 104 -28.81 26.31 -19.59
C ASP B 104 -29.99 26.29 -20.54
N THR B 105 -30.15 25.16 -21.23
CA THR B 105 -31.31 24.94 -22.08
C THR B 105 -31.87 23.55 -21.81
N GLY B 106 -32.84 23.13 -22.63
CA GLY B 106 -33.32 21.77 -22.52
C GLY B 106 -32.34 20.73 -23.03
N HIS B 107 -31.39 21.13 -23.85
CA HIS B 107 -30.40 20.20 -24.37
C HIS B 107 -29.38 19.85 -23.29
N TRP B 108 -29.03 18.57 -23.23
CA TRP B 108 -27.99 18.11 -22.32
C TRP B 108 -26.61 18.13 -22.95
N TRP B 109 -26.51 18.48 -24.22
CA TRP B 109 -25.25 18.53 -24.94
C TRP B 109 -24.75 19.95 -25.15
N ASP B 110 -25.44 20.94 -24.60
CA ASP B 110 -25.14 22.33 -24.85
C ASP B 110 -24.24 22.88 -23.74
N ILE B 111 -22.96 23.07 -24.06
CA ILE B 111 -21.98 23.48 -23.06
C ILE B 111 -21.67 24.97 -23.18
N TYR B 112 -21.92 25.56 -24.33
CA TYR B 112 -21.53 26.93 -24.60
C TYR B 112 -22.40 27.93 -23.84
N ASP B 113 -21.84 29.10 -23.59
CA ASP B 113 -22.56 30.19 -22.93
C ASP B 113 -22.85 31.24 -23.99
N TYR B 114 -24.12 31.39 -24.34
CA TYR B 114 -24.52 32.31 -25.40
C TYR B 114 -24.92 33.64 -24.80
N TRP B 115 -24.40 34.71 -25.37
CA TRP B 115 -24.65 36.06 -24.88
C TRP B 115 -25.49 36.85 -25.88
N GLY B 116 -25.82 38.07 -25.49
CA GLY B 116 -26.51 38.99 -26.37
C GLY B 116 -25.61 40.15 -26.75
N GLN B 117 -25.97 40.88 -27.80
CA GLN B 117 -25.14 42.00 -28.24
C GLN B 117 -25.08 43.09 -27.19
N GLY B 118 -26.20 43.40 -26.57
CA GLY B 118 -26.23 44.37 -25.50
C GLY B 118 -26.85 45.70 -25.93
N THR B 119 -27.48 46.36 -24.97
CA THR B 119 -28.14 47.64 -25.20
C THR B 119 -27.49 48.73 -24.36
N GLN B 120 -27.20 49.86 -24.98
CA GLN B 120 -26.67 51.02 -24.26
C GLN B 120 -27.79 51.66 -23.46
N VAL B 121 -27.73 51.53 -22.14
CA VAL B 121 -28.74 52.08 -21.24
C VAL B 121 -28.08 53.19 -20.44
N THR B 122 -28.61 54.40 -20.57
CA THR B 122 -28.08 55.56 -19.87
C THR B 122 -29.24 56.35 -19.27
N VAL B 123 -28.95 57.12 -18.24
CA VAL B 123 -29.96 57.92 -17.57
C VAL B 123 -29.85 59.38 -18.00
#